data_8CMX
#
_entry.id   8CMX
#
_cell.length_a   130.070
_cell.length_b   130.070
_cell.length_c   234.060
_cell.angle_alpha   90.00
_cell.angle_beta   90.00
_cell.angle_gamma   120.00
#
_symmetry.space_group_name_H-M   'P 65 2 2'
#
_entity_poly.entity_id   1
_entity_poly.type   'polypeptide(L)'
_entity_poly.pdbx_seq_one_letter_code
;MPGVRGQVDKQVSTAIENIENKLVASGPGVTRYLTLPQTGWTPEQIRTELDKLANMEHTRWEDGRVSGAVYHGGQDLLKL
QTEAFGQFGVANPIHPDVFPGVRKMEAEVVAMVLALFNAPSDGAGVTTSGGTESILMACLAARQKAFTERGVKEPEIIIP
DTAHAAFYKACNYFGMKLHRVPCPAPEYKVDIAAVRRLINPNTVLLVGSAPNFPHGIVDDIPALSRLATKYKIPLHVDCC
LGSFVIAFLKKAGFPSPYEEEGGFDFRLPGVTSISVDTH(LLP)YGFAPKGNSVLLYRNKTYRSYQYFIYPDWSGGVYAS
PSVAGSRPGALIAGCWASLMSVGETGYINSCLEIIGAAKKFEASIKEHPVLSKNLGIVGKPMVSVVAFQSQNGAVDIYDV
ADGLSAKGWHLNALQSPPAIHVAFTIPTAAAVEKLTTDLVETVEKELEKAEERKRQGKSYVLKRGDTSALYGVAGSLPDK
SIVSRLAEGFLDTLYKAGGGSHHHHHH
;
_entity_poly.pdbx_strand_id   A,B
#
# COMPACT_ATOMS: atom_id res chain seq x y z
N GLY A 6 -5.81 -14.76 35.89
CA GLY A 6 -7.23 -14.38 35.87
C GLY A 6 -7.43 -12.88 35.86
N GLN A 7 -6.96 -12.20 36.92
CA GLN A 7 -7.26 -10.80 37.15
C GLN A 7 -6.79 -9.95 35.97
N VAL A 8 -5.50 -10.10 35.63
CA VAL A 8 -4.95 -9.46 34.46
C VAL A 8 -5.92 -9.64 33.30
N ASP A 9 -6.36 -10.88 33.10
CA ASP A 9 -7.25 -11.25 32.01
C ASP A 9 -8.54 -10.42 32.06
N LYS A 10 -9.13 -10.37 33.25
CA LYS A 10 -10.41 -9.71 33.44
C LYS A 10 -10.25 -8.23 33.14
N GLN A 11 -9.19 -7.64 33.73
CA GLN A 11 -8.87 -6.24 33.49
C GLN A 11 -8.75 -5.99 31.98
N VAL A 12 -7.93 -6.80 31.31
CA VAL A 12 -7.76 -6.72 29.88
C VAL A 12 -9.13 -6.72 29.19
N SER A 13 -9.86 -7.82 29.35
CA SER A 13 -11.17 -8.00 28.72
C SER A 13 -12.02 -6.75 28.93
N THR A 14 -12.05 -6.25 30.17
CA THR A 14 -12.79 -5.05 30.48
C THR A 14 -12.31 -3.90 29.59
N ALA A 15 -11.00 -3.65 29.61
CA ALA A 15 -10.40 -2.57 28.84
C ALA A 15 -10.82 -2.68 27.38
N ILE A 16 -10.66 -3.87 26.81
CA ILE A 16 -11.04 -4.15 25.43
C ILE A 16 -12.50 -3.79 25.23
N GLU A 17 -13.38 -4.36 26.06
CA GLU A 17 -14.80 -4.06 25.99
C GLU A 17 -15.02 -2.55 25.95
N ASN A 18 -14.27 -1.80 26.78
CA ASN A 18 -14.38 -0.34 26.79
C ASN A 18 -14.01 0.23 25.42
N ILE A 19 -12.90 -0.26 24.85
CA ILE A 19 -12.45 0.20 23.55
C ILE A 19 -13.55 -0.04 22.53
N GLU A 20 -14.01 -1.31 22.46
CA GLU A 20 -15.06 -1.68 21.52
C GLU A 20 -16.27 -0.75 21.71
N ASN A 21 -16.69 -0.58 22.96
CA ASN A 21 -17.82 0.27 23.30
C ASN A 21 -17.51 1.72 22.92
N LYS A 22 -16.23 2.05 22.74
CA LYS A 22 -15.87 3.43 22.42
C LYS A 22 -15.76 3.65 20.91
N LEU A 23 -15.37 2.61 20.15
CA LEU A 23 -15.11 2.78 18.72
C LEU A 23 -16.27 2.23 17.89
N VAL A 24 -16.70 1.01 18.22
CA VAL A 24 -17.83 0.40 17.53
C VAL A 24 -19.08 1.22 17.84
N ALA A 25 -19.63 1.86 16.80
CA ALA A 25 -20.83 2.66 16.96
C ALA A 25 -22.07 1.79 16.79
N SER A 26 -22.81 1.62 17.89
CA SER A 26 -24.07 0.89 17.88
C SER A 26 -25.18 1.83 18.31
N GLY A 27 -26.37 1.27 18.57
CA GLY A 27 -27.51 2.05 18.99
C GLY A 27 -28.57 2.14 17.90
N PRO A 28 -29.83 2.44 18.26
CA PRO A 28 -30.92 2.53 17.28
C PRO A 28 -30.45 3.38 16.12
N GLY A 29 -30.71 2.91 14.91
CA GLY A 29 -30.27 3.62 13.71
C GLY A 29 -29.06 2.96 13.07
N VAL A 30 -28.24 2.27 13.88
CA VAL A 30 -27.07 1.60 13.33
C VAL A 30 -27.54 0.34 12.59
N THR A 31 -27.70 0.48 11.27
CA THR A 31 -27.96 -0.67 10.41
C THR A 31 -26.62 -1.29 10.02
N ARG A 32 -26.44 -2.56 10.38
CA ARG A 32 -25.19 -3.27 10.12
C ARG A 32 -25.37 -4.13 8.87
N TYR A 33 -24.67 -3.75 7.80
CA TYR A 33 -24.74 -4.48 6.53
C TYR A 33 -23.63 -5.52 6.50
N LEU A 34 -23.98 -6.78 6.81
CA LEU A 34 -22.99 -7.83 7.00
C LEU A 34 -23.03 -8.83 5.85
N THR A 35 -23.97 -8.64 4.93
CA THR A 35 -24.00 -9.43 3.71
C THR A 35 -24.35 -8.51 2.54
N LEU A 36 -23.90 -8.88 1.34
CA LEU A 36 -24.20 -8.11 0.13
C LEU A 36 -25.71 -7.91 0.02
N PRO A 37 -26.17 -6.71 -0.40
CA PRO A 37 -27.59 -6.51 -0.68
C PRO A 37 -27.99 -7.48 -1.80
N GLN A 38 -29.24 -7.94 -1.80
CA GLN A 38 -29.70 -8.88 -2.82
C GLN A 38 -29.90 -8.15 -4.14
N THR A 39 -30.34 -6.89 -4.04
CA THR A 39 -30.50 -6.07 -5.22
C THR A 39 -29.71 -4.79 -5.03
N GLY A 40 -29.06 -4.34 -6.11
CA GLY A 40 -28.24 -3.14 -6.06
C GLY A 40 -29.02 -1.95 -5.53
N TRP A 41 -28.40 -1.21 -4.60
CA TRP A 41 -28.98 0.03 -4.11
C TRP A 41 -28.96 1.06 -5.23
N THR A 42 -29.77 2.12 -5.06
CA THR A 42 -29.84 3.20 -6.05
C THR A 42 -28.77 4.24 -5.73
N PRO A 43 -28.34 5.01 -6.77
CA PRO A 43 -27.27 6.00 -6.59
C PRO A 43 -27.62 6.92 -5.42
N GLU A 44 -28.87 7.41 -5.43
CA GLU A 44 -29.34 8.30 -4.39
C GLU A 44 -29.32 7.57 -3.04
N GLN A 45 -29.74 6.29 -3.04
CA GLN A 45 -29.70 5.51 -1.81
C GLN A 45 -28.29 5.57 -1.24
N ILE A 46 -27.32 5.21 -2.09
CA ILE A 46 -25.94 5.18 -1.65
C ILE A 46 -25.55 6.56 -1.15
N ARG A 47 -25.78 7.60 -1.95
CA ARG A 47 -25.39 8.95 -1.56
C ARG A 47 -25.94 9.27 -0.16
N THR A 48 -27.24 8.98 0.03
CA THR A 48 -27.91 9.19 1.30
C THR A 48 -27.11 8.53 2.42
N GLU A 49 -26.95 7.20 2.30
CA GLU A 49 -26.29 6.44 3.33
C GLU A 49 -24.92 7.06 3.62
N LEU A 50 -24.20 7.41 2.54
CA LEU A 50 -22.85 7.93 2.65
C LEU A 50 -22.85 9.24 3.42
N ASP A 51 -23.81 10.13 3.12
CA ASP A 51 -23.91 11.37 3.87
C ASP A 51 -24.11 11.01 5.35
N LYS A 52 -25.05 10.09 5.58
CA LYS A 52 -25.35 9.61 6.91
C LYS A 52 -24.05 9.26 7.62
N LEU A 53 -23.24 8.41 6.97
CA LEU A 53 -21.95 8.01 7.51
C LEU A 53 -21.10 9.25 7.81
N ALA A 54 -20.93 10.10 6.79
CA ALA A 54 -20.08 11.27 6.89
C ALA A 54 -20.46 12.10 8.13
N ASN A 55 -21.73 12.04 8.54
CA ASN A 55 -22.18 12.91 9.62
C ASN A 55 -22.29 12.16 10.94
N MET A 56 -21.62 11.01 11.07
CA MET A 56 -21.49 10.37 12.38
C MET A 56 -20.71 11.31 13.29
N GLU A 57 -20.94 11.19 14.61
CA GLU A 57 -20.24 12.02 15.59
C GLU A 57 -18.78 11.58 15.61
N HIS A 58 -17.88 12.55 15.78
CA HIS A 58 -16.45 12.32 15.64
C HIS A 58 -15.68 13.53 16.14
N THR A 59 -14.43 13.32 16.55
CA THR A 59 -13.54 14.42 16.88
C THR A 59 -13.56 15.42 15.73
N ARG A 60 -13.94 16.66 16.02
CA ARG A 60 -14.22 17.63 14.97
C ARG A 60 -12.91 18.25 14.48
N TRP A 61 -12.22 17.50 13.61
CA TRP A 61 -11.03 17.98 12.92
C TRP A 61 -11.34 19.28 12.19
N GLU A 62 -12.58 19.41 11.72
CA GLU A 62 -13.02 20.59 11.01
C GLU A 62 -12.84 21.81 11.91
N ASP A 63 -12.96 21.61 13.22
CA ASP A 63 -12.85 22.68 14.19
C ASP A 63 -11.41 22.80 14.68
N GLY A 64 -10.48 22.18 13.93
CA GLY A 64 -9.05 22.30 14.19
C GLY A 64 -8.69 21.78 15.58
N ARG A 65 -9.11 20.55 15.89
CA ARG A 65 -8.92 19.99 17.22
C ARG A 65 -8.24 18.63 17.17
N VAL A 66 -7.64 18.29 16.03
CA VAL A 66 -6.96 17.01 15.89
C VAL A 66 -5.52 17.27 15.43
N SER A 67 -4.56 16.67 16.13
CA SER A 67 -3.16 16.88 15.83
C SER A 67 -2.74 16.05 14.61
N GLY A 68 -2.16 16.73 13.61
CA GLY A 68 -1.55 16.08 12.45
C GLY A 68 -2.34 14.90 11.89
N ALA A 69 -3.64 15.08 11.66
CA ALA A 69 -4.46 14.06 10.98
C ALA A 69 -4.94 14.60 9.64
N VAL A 70 -5.42 15.84 9.63
CA VAL A 70 -5.87 16.51 8.42
C VAL A 70 -5.05 17.78 8.23
N TYR A 71 -4.25 17.82 7.15
CA TYR A 71 -3.20 18.82 7.04
C TYR A 71 -3.75 20.09 6.37
N HIS A 72 -4.61 19.91 5.35
CA HIS A 72 -5.22 21.04 4.64
C HIS A 72 -6.72 21.06 4.88
N GLY A 73 -7.45 20.14 4.26
CA GLY A 73 -8.88 19.98 4.49
C GLY A 73 -9.74 20.98 3.72
N GLY A 74 -9.12 21.70 2.78
CA GLY A 74 -9.77 22.81 2.09
C GLY A 74 -10.67 22.35 0.95
N GLN A 75 -11.96 22.73 1.05
CA GLN A 75 -13.00 22.24 0.15
C GLN A 75 -12.52 22.36 -1.30
N ASP A 76 -12.00 23.53 -1.66
CA ASP A 76 -11.59 23.80 -3.02
C ASP A 76 -10.64 22.69 -3.48
N LEU A 77 -9.61 22.40 -2.68
CA LEU A 77 -8.60 21.43 -3.06
C LEU A 77 -9.24 20.05 -3.14
N LEU A 78 -9.98 19.70 -2.09
CA LEU A 78 -10.65 18.42 -2.02
C LEU A 78 -11.46 18.18 -3.30
N LYS A 79 -12.18 19.20 -3.75
CA LYS A 79 -12.99 19.07 -4.96
C LYS A 79 -12.07 18.67 -6.11
N LEU A 80 -10.95 19.39 -6.24
CA LEU A 80 -10.02 19.18 -7.34
C LEU A 80 -9.53 17.74 -7.31
N GLN A 81 -9.04 17.32 -6.14
CA GLN A 81 -8.59 15.95 -5.94
C GLN A 81 -9.70 14.99 -6.39
N THR A 82 -10.94 15.30 -5.98
CA THR A 82 -12.08 14.48 -6.31
C THR A 82 -12.23 14.37 -7.84
N GLU A 83 -12.10 15.50 -8.54
CA GLU A 83 -12.24 15.50 -9.99
C GLU A 83 -11.14 14.63 -10.61
N ALA A 84 -9.91 14.83 -10.14
CA ALA A 84 -8.79 14.02 -10.61
C ALA A 84 -9.12 12.53 -10.43
N PHE A 85 -9.53 12.17 -9.21
CA PHE A 85 -9.94 10.80 -8.94
C PHE A 85 -10.98 10.36 -9.96
N GLY A 86 -11.98 11.21 -10.18
CA GLY A 86 -13.06 10.93 -11.12
C GLY A 86 -12.51 10.63 -12.52
N GLN A 87 -11.47 11.38 -12.93
CA GLN A 87 -10.92 11.20 -14.26
C GLN A 87 -10.01 9.98 -14.35
N PHE A 88 -9.34 9.61 -13.24
CA PHE A 88 -8.34 8.55 -13.32
C PHE A 88 -8.69 7.36 -12.43
N GLY A 89 -10.00 7.19 -12.20
CA GLY A 89 -10.52 6.18 -11.30
C GLY A 89 -10.04 4.78 -11.67
N VAL A 90 -9.97 4.50 -12.97
CA VAL A 90 -9.66 3.16 -13.43
C VAL A 90 -8.16 3.03 -13.73
N ALA A 91 -7.38 4.08 -13.47
CA ALA A 91 -6.01 4.09 -13.93
C ALA A 91 -5.12 3.25 -13.00
N ASN A 92 -4.28 2.41 -13.63
CA ASN A 92 -3.35 1.54 -12.93
C ASN A 92 -1.97 1.66 -13.57
N PRO A 93 -1.00 2.32 -12.92
CA PRO A 93 0.26 2.69 -13.56
C PRO A 93 1.04 1.51 -14.14
N ILE A 94 0.88 0.32 -13.53
CA ILE A 94 1.53 -0.90 -14.00
C ILE A 94 1.21 -1.13 -15.48
N HIS A 95 0.20 -0.41 -16.00
CA HIS A 95 -0.08 -0.43 -17.42
C HIS A 95 0.16 0.95 -18.01
N PRO A 96 1.43 1.40 -18.14
CA PRO A 96 1.72 2.75 -18.63
C PRO A 96 1.21 2.96 -20.06
N ASP A 97 1.24 1.88 -20.85
CA ASP A 97 0.78 1.91 -22.23
C ASP A 97 -0.73 2.07 -22.27
N VAL A 98 -1.42 1.77 -21.16
CA VAL A 98 -2.86 1.92 -21.10
C VAL A 98 -3.21 3.23 -20.39
N PHE A 99 -2.32 3.71 -19.51
CA PHE A 99 -2.62 4.88 -18.69
C PHE A 99 -1.45 5.86 -18.68
N PRO A 100 -0.92 6.20 -19.88
CA PRO A 100 0.30 7.01 -19.98
C PRO A 100 0.26 8.25 -19.09
N GLY A 101 -0.86 8.98 -19.15
CA GLY A 101 -1.06 10.16 -18.34
C GLY A 101 -0.59 9.93 -16.91
N VAL A 102 -1.12 8.87 -16.29
CA VAL A 102 -0.78 8.57 -14.91
C VAL A 102 0.73 8.44 -14.80
N ARG A 103 1.29 7.65 -15.72
CA ARG A 103 2.71 7.35 -15.72
C ARG A 103 3.52 8.64 -15.73
N LYS A 104 3.10 9.58 -16.60
CA LYS A 104 3.72 10.89 -16.66
C LYS A 104 3.60 11.56 -15.30
N MET A 105 2.34 11.78 -14.88
CA MET A 105 2.07 12.53 -13.67
C MET A 105 2.97 12.01 -12.54
N GLU A 106 3.06 10.68 -12.42
CA GLU A 106 3.87 10.06 -11.39
C GLU A 106 5.31 10.56 -11.51
N ALA A 107 5.91 10.31 -12.69
CA ALA A 107 7.28 10.72 -12.93
C ALA A 107 7.47 12.15 -12.47
N GLU A 108 6.54 13.02 -12.91
CA GLU A 108 6.65 14.44 -12.62
C GLU A 108 6.62 14.68 -11.10
N VAL A 109 5.64 14.08 -10.42
CA VAL A 109 5.59 14.19 -8.97
C VAL A 109 6.99 13.94 -8.43
N VAL A 110 7.53 12.75 -8.72
CA VAL A 110 8.84 12.38 -8.21
C VAL A 110 9.82 13.52 -8.47
N ALA A 111 9.97 13.86 -9.77
CA ALA A 111 10.88 14.92 -10.17
C ALA A 111 10.76 16.11 -9.24
N MET A 112 9.54 16.64 -9.13
CA MET A 112 9.28 17.86 -8.40
C MET A 112 9.81 17.72 -6.97
N VAL A 113 9.65 16.54 -6.38
CA VAL A 113 10.07 16.33 -5.00
C VAL A 113 11.59 16.26 -4.96
N LEU A 114 12.20 15.49 -5.86
CA LEU A 114 13.66 15.40 -5.92
C LEU A 114 14.24 16.80 -5.83
N ALA A 115 13.66 17.73 -6.62
CA ALA A 115 14.12 19.11 -6.65
C ALA A 115 14.02 19.74 -5.26
N LEU A 116 12.86 19.59 -4.61
CA LEU A 116 12.65 20.23 -3.32
C LEU A 116 13.82 19.95 -2.38
N PHE A 117 14.44 18.76 -2.49
CA PHE A 117 15.45 18.38 -1.51
C PHE A 117 16.85 18.42 -2.12
N ASN A 118 16.98 19.26 -3.16
CA ASN A 118 18.26 19.55 -3.79
C ASN A 118 18.93 18.23 -4.18
N ALA A 119 18.19 17.37 -4.89
CA ALA A 119 18.70 16.08 -5.30
C ALA A 119 19.78 16.24 -6.36
N PRO A 120 20.77 15.34 -6.44
CA PRO A 120 21.75 15.34 -7.53
C PRO A 120 21.08 15.01 -8.87
N SER A 121 21.82 15.22 -9.97
CA SER A 121 21.28 15.07 -11.30
C SER A 121 20.90 13.62 -11.57
N ASP A 122 21.64 12.67 -10.96
CA ASP A 122 21.35 11.25 -11.10
C ASP A 122 20.35 10.82 -10.03
N GLY A 123 19.72 11.81 -9.39
CA GLY A 123 18.72 11.56 -8.37
C GLY A 123 17.56 10.76 -8.94
N ALA A 124 17.12 9.74 -8.20
CA ALA A 124 16.02 8.90 -8.65
C ALA A 124 15.01 8.77 -7.51
N GLY A 125 13.77 8.38 -7.82
CA GLY A 125 12.78 8.29 -6.77
C GLY A 125 11.58 7.44 -7.19
N VAL A 126 10.82 7.00 -6.18
CA VAL A 126 9.57 6.30 -6.45
C VAL A 126 8.47 6.91 -5.59
N THR A 127 7.23 6.71 -6.05
CA THR A 127 6.05 6.97 -5.25
C THR A 127 5.73 5.70 -4.46
N THR A 128 5.31 5.90 -3.21
CA THR A 128 4.85 4.82 -2.34
C THR A 128 3.50 5.24 -1.75
N SER A 129 2.77 4.26 -1.23
CA SER A 129 1.48 4.54 -0.63
C SER A 129 1.65 5.48 0.55
N GLY A 130 2.75 5.30 1.32
CA GLY A 130 2.97 6.09 2.52
C GLY A 130 4.36 5.94 3.13
N GLY A 131 4.62 6.80 4.12
CA GLY A 131 5.91 6.87 4.82
C GLY A 131 6.36 5.49 5.31
N THR A 132 5.43 4.71 5.85
CA THR A 132 5.72 3.36 6.27
C THR A 132 6.39 2.62 5.10
N GLU A 133 5.70 2.61 3.96
CA GLU A 133 6.19 1.91 2.78
C GLU A 133 7.54 2.48 2.38
N SER A 134 7.61 3.81 2.27
CA SER A 134 8.87 4.46 1.95
C SER A 134 9.98 3.86 2.80
N ILE A 135 9.82 3.96 4.12
CA ILE A 135 10.84 3.51 5.06
C ILE A 135 11.17 2.04 4.78
N LEU A 136 10.13 1.20 4.68
CA LEU A 136 10.35 -0.21 4.41
C LEU A 136 11.27 -0.38 3.20
N MET A 137 10.92 0.32 2.11
CA MET A 137 11.62 0.18 0.85
C MET A 137 13.06 0.69 0.99
N ALA A 138 13.24 1.80 1.71
CA ALA A 138 14.59 2.27 1.99
C ALA A 138 15.38 1.14 2.65
N CYS A 139 14.83 0.59 3.73
CA CYS A 139 15.50 -0.44 4.49
C CYS A 139 15.86 -1.61 3.56
N LEU A 140 14.85 -2.09 2.84
CA LEU A 140 15.05 -3.20 1.92
C LEU A 140 16.21 -2.88 0.97
N ALA A 141 16.13 -1.70 0.34
CA ALA A 141 17.15 -1.19 -0.56
C ALA A 141 18.52 -1.36 0.09
N ALA A 142 18.70 -0.78 1.28
CA ALA A 142 20.00 -0.85 1.94
C ALA A 142 20.43 -2.30 2.12
N ARG A 143 19.50 -3.13 2.61
CA ARG A 143 19.80 -4.54 2.84
C ARG A 143 20.33 -5.17 1.56
N GLN A 144 19.53 -5.09 0.48
CA GLN A 144 19.90 -5.69 -0.78
C GLN A 144 21.25 -5.13 -1.23
N LYS A 145 21.45 -3.82 -1.08
CA LYS A 145 22.72 -3.19 -1.42
C LYS A 145 23.85 -3.94 -0.70
N ALA A 146 23.77 -3.98 0.63
CA ALA A 146 24.83 -4.54 1.46
C ALA A 146 25.05 -6.01 1.12
N PHE A 147 23.96 -6.71 0.75
CA PHE A 147 24.08 -8.10 0.36
C PHE A 147 24.84 -8.22 -0.96
N THR A 148 24.33 -7.56 -1.99
CA THR A 148 24.91 -7.65 -3.33
C THR A 148 26.37 -7.23 -3.29
N GLU A 149 26.63 -6.06 -2.70
CA GLU A 149 27.95 -5.46 -2.74
C GLU A 149 28.86 -6.05 -1.67
N ARG A 150 28.43 -6.01 -0.41
CA ARG A 150 29.34 -6.37 0.68
C ARG A 150 29.02 -7.77 1.19
N GLY A 151 28.20 -8.51 0.44
CA GLY A 151 27.88 -9.89 0.76
C GLY A 151 27.40 -10.05 2.21
N VAL A 152 26.82 -8.99 2.79
CA VAL A 152 26.38 -9.04 4.18
C VAL A 152 25.19 -9.99 4.28
N LYS A 153 25.14 -10.79 5.35
CA LYS A 153 24.12 -11.82 5.49
C LYS A 153 23.38 -11.68 6.83
N GLU A 154 24.00 -11.01 7.80
CA GLU A 154 23.34 -10.70 9.05
C GLU A 154 23.20 -9.19 9.18
N PRO A 155 22.23 -8.56 8.48
CA PRO A 155 22.19 -7.10 8.36
C PRO A 155 21.84 -6.39 9.68
N GLU A 156 22.36 -5.17 9.83
CA GLU A 156 22.09 -4.36 11.00
C GLU A 156 21.79 -2.92 10.57
N ILE A 157 20.87 -2.27 11.29
CA ILE A 157 20.57 -0.86 11.06
C ILE A 157 20.61 -0.11 12.39
N ILE A 158 21.13 1.12 12.33
CA ILE A 158 21.22 1.96 13.53
C ILE A 158 20.26 3.13 13.39
N ILE A 159 19.29 3.17 14.31
CA ILE A 159 18.22 4.15 14.34
C ILE A 159 18.25 4.90 15.68
N PRO A 160 17.77 6.16 15.72
CA PRO A 160 17.52 6.86 16.99
C PRO A 160 16.28 6.31 17.69
N ASP A 161 16.26 6.39 19.02
CA ASP A 161 15.12 5.95 19.82
C ASP A 161 13.85 6.64 19.31
N THR A 162 13.99 7.91 18.92
CA THR A 162 12.86 8.72 18.50
C THR A 162 12.40 8.35 17.09
N ALA A 163 13.07 7.36 16.49
CA ALA A 163 12.81 6.97 15.12
C ALA A 163 11.42 6.33 15.00
N HIS A 164 10.89 6.34 13.78
CA HIS A 164 9.52 5.92 13.53
C HIS A 164 9.42 4.39 13.48
N ALA A 165 8.39 3.85 14.15
CA ALA A 165 8.26 2.42 14.43
C ALA A 165 8.36 1.60 13.14
N ALA A 166 8.05 2.23 12.02
CA ALA A 166 8.11 1.59 10.72
C ALA A 166 9.48 0.92 10.53
N PHE A 167 10.52 1.47 11.18
CA PHE A 167 11.85 0.90 11.07
C PHE A 167 11.88 -0.48 11.72
N TYR A 168 11.32 -0.58 12.92
CA TYR A 168 11.21 -1.86 13.63
C TYR A 168 10.38 -2.81 12.77
N LYS A 169 9.31 -2.29 12.17
CA LYS A 169 8.51 -3.09 11.26
C LYS A 169 9.41 -3.65 10.16
N ALA A 170 10.24 -2.77 9.60
CA ALA A 170 11.18 -3.14 8.53
C ALA A 170 12.07 -4.27 9.02
N CYS A 171 12.70 -4.08 10.19
CA CYS A 171 13.67 -5.04 10.70
C CYS A 171 12.99 -6.39 10.95
N ASN A 172 11.77 -6.31 11.51
CA ASN A 172 10.94 -7.47 11.79
C ASN A 172 10.64 -8.22 10.49
N TYR A 173 10.26 -7.46 9.45
CA TYR A 173 9.86 -8.05 8.18
C TYR A 173 11.07 -8.68 7.49
N PHE A 174 12.12 -7.88 7.30
CA PHE A 174 13.23 -8.25 6.42
C PHE A 174 14.31 -8.97 7.20
N GLY A 175 14.10 -9.16 8.51
CA GLY A 175 15.00 -9.96 9.33
C GLY A 175 16.33 -9.26 9.59
N MET A 176 16.25 -7.99 10.00
CA MET A 176 17.44 -7.18 10.21
C MET A 176 17.61 -6.93 11.70
N LYS A 177 18.86 -6.71 12.14
CA LYS A 177 19.11 -6.39 13.54
C LYS A 177 19.00 -4.88 13.73
N LEU A 178 18.21 -4.49 14.73
CA LEU A 178 17.94 -3.08 14.98
C LEU A 178 18.82 -2.57 16.10
N HIS A 179 19.25 -1.31 15.98
CA HIS A 179 20.03 -0.67 17.02
C HIS A 179 19.38 0.68 17.34
N ARG A 180 18.91 0.87 18.58
CA ARG A 180 18.30 2.14 18.94
C ARG A 180 19.28 2.93 19.81
N VAL A 181 19.71 4.09 19.29
CA VAL A 181 20.60 4.98 20.03
C VAL A 181 19.75 5.99 20.79
N PRO A 182 20.08 6.31 22.06
CA PRO A 182 19.32 7.29 22.82
C PRO A 182 19.49 8.72 22.29
N CYS A 183 18.45 9.51 22.54
CA CYS A 183 18.46 10.93 22.24
C CYS A 183 18.27 11.69 23.54
N PRO A 184 19.35 11.88 24.34
CA PRO A 184 19.25 12.47 25.68
C PRO A 184 18.95 13.96 25.76
N ALA A 185 18.27 14.34 26.84
CA ALA A 185 17.93 15.73 27.11
C ALA A 185 19.20 16.53 27.36
N PRO A 186 19.15 17.88 27.26
CA PRO A 186 17.96 18.58 26.82
C PRO A 186 17.82 18.60 25.30
N GLU A 187 18.76 17.94 24.61
CA GLU A 187 18.87 18.07 23.17
C GLU A 187 17.82 17.20 22.51
N TYR A 188 17.65 15.99 23.05
CA TYR A 188 16.72 15.00 22.54
C TYR A 188 17.11 14.67 21.09
N LYS A 189 18.40 14.79 20.80
CA LYS A 189 18.96 14.40 19.52
C LYS A 189 19.81 13.15 19.70
N VAL A 190 20.01 12.41 18.61
CA VAL A 190 20.73 11.15 18.63
C VAL A 190 22.15 11.37 19.18
N ASP A 191 22.73 10.34 19.81
CA ASP A 191 24.09 10.42 20.32
C ASP A 191 25.10 9.90 19.29
N ILE A 192 25.73 10.86 18.59
CA ILE A 192 26.63 10.60 17.48
C ILE A 192 27.71 9.60 17.90
N ALA A 193 28.33 9.86 19.06
CA ALA A 193 29.36 8.98 19.59
C ALA A 193 28.81 7.56 19.68
N ALA A 194 27.61 7.45 20.26
CA ALA A 194 26.97 6.16 20.47
C ALA A 194 26.72 5.50 19.11
N VAL A 195 26.35 6.30 18.11
CA VAL A 195 26.20 5.80 16.75
C VAL A 195 27.53 5.22 16.30
N ARG A 196 28.56 6.07 16.24
CA ARG A 196 29.89 5.65 15.84
C ARG A 196 30.18 4.29 16.45
N ARG A 197 30.11 4.21 17.79
CA ARG A 197 30.54 3.01 18.51
C ARG A 197 29.86 1.75 17.97
N LEU A 198 28.64 1.88 17.47
CA LEU A 198 27.85 0.72 17.07
C LEU A 198 28.16 0.32 15.63
N ILE A 199 28.80 1.20 14.86
CA ILE A 199 29.12 0.89 13.47
C ILE A 199 30.03 -0.34 13.47
N ASN A 200 29.67 -1.33 12.63
CA ASN A 200 30.48 -2.52 12.42
C ASN A 200 30.27 -3.00 10.99
N PRO A 201 31.09 -3.94 10.49
CA PRO A 201 30.97 -4.41 9.11
C PRO A 201 29.57 -4.85 8.66
N ASN A 202 28.67 -5.14 9.62
CA ASN A 202 27.33 -5.61 9.31
C ASN A 202 26.30 -4.48 9.36
N THR A 203 26.79 -3.24 9.55
CA THR A 203 25.93 -2.07 9.52
C THR A 203 25.61 -1.74 8.07
N VAL A 204 24.31 -1.66 7.74
CA VAL A 204 23.92 -1.46 6.35
C VAL A 204 23.17 -0.12 6.18
N LEU A 205 22.71 0.48 7.28
CA LEU A 205 21.97 1.73 7.17
C LEU A 205 22.07 2.56 8.46
N LEU A 206 22.42 3.84 8.27
CA LEU A 206 22.28 4.83 9.32
C LEU A 206 20.99 5.62 9.07
N VAL A 207 20.27 5.95 10.16
CA VAL A 207 19.01 6.68 10.01
C VAL A 207 19.08 8.02 10.76
N GLY A 208 18.41 9.03 10.19
CA GLY A 208 18.20 10.30 10.87
C GLY A 208 16.80 10.84 10.62
N SER A 209 16.32 11.70 11.52
CA SER A 209 14.96 12.21 11.45
C SER A 209 14.95 13.71 11.20
N ALA A 210 14.02 14.17 10.34
CA ALA A 210 13.93 15.57 9.99
C ALA A 210 12.47 15.99 9.74
N PRO A 211 11.70 16.35 10.78
CA PRO A 211 12.03 16.04 12.17
C PRO A 211 11.45 14.69 12.59
N ASN A 212 11.65 14.33 13.86
CA ASN A 212 11.13 13.07 14.38
C ASN A 212 9.70 13.30 14.86
N PHE A 213 8.89 12.23 14.77
CA PHE A 213 7.48 12.29 15.08
C PHE A 213 7.26 12.76 16.52
N PRO A 214 7.85 12.10 17.53
CA PRO A 214 7.49 12.41 18.92
C PRO A 214 7.73 13.88 19.28
N HIS A 215 8.96 14.36 19.09
CA HIS A 215 9.35 15.64 19.67
C HIS A 215 9.48 16.74 18.60
N GLY A 216 9.48 16.35 17.32
CA GLY A 216 9.64 17.33 16.25
C GLY A 216 11.05 17.92 16.22
N ILE A 217 12.03 17.07 16.54
CA ILE A 217 13.43 17.44 16.57
C ILE A 217 14.11 16.90 15.31
N VAL A 218 15.02 17.70 14.75
CA VAL A 218 15.82 17.30 13.61
C VAL A 218 17.16 16.78 14.12
N ASP A 219 17.53 15.54 13.77
CA ASP A 219 18.76 14.95 14.28
C ASP A 219 19.96 15.64 13.63
N ASP A 220 21.19 15.24 14.02
CA ASP A 220 22.41 15.89 13.57
C ASP A 220 22.84 15.31 12.23
N ILE A 221 22.03 15.62 11.21
CA ILE A 221 22.15 15.01 9.89
C ILE A 221 23.55 15.24 9.36
N PRO A 222 24.15 16.46 9.49
CA PRO A 222 25.55 16.65 9.08
C PRO A 222 26.48 15.59 9.70
N ALA A 223 26.37 15.41 11.02
CA ALA A 223 27.28 14.52 11.73
C ALA A 223 27.08 13.09 11.20
N LEU A 224 25.80 12.71 11.08
CA LEU A 224 25.46 11.40 10.54
C LEU A 224 26.05 11.24 9.15
N SER A 225 26.02 12.32 8.36
CA SER A 225 26.55 12.35 7.01
C SER A 225 28.05 12.10 7.05
N ARG A 226 28.75 12.81 7.94
CA ARG A 226 30.19 12.60 8.09
C ARG A 226 30.46 11.11 8.35
N LEU A 227 29.78 10.56 9.36
CA LEU A 227 29.97 9.15 9.69
C LEU A 227 29.71 8.28 8.46
N ALA A 228 28.58 8.56 7.78
CA ALA A 228 28.12 7.78 6.63
C ALA A 228 29.19 7.78 5.54
N THR A 229 29.70 8.97 5.22
CA THR A 229 30.77 9.14 4.25
C THR A 229 31.98 8.34 4.70
N LYS A 230 32.39 8.58 5.95
CA LYS A 230 33.60 8.00 6.51
C LYS A 230 33.57 6.49 6.38
N TYR A 231 32.50 5.87 6.90
CA TYR A 231 32.43 4.42 6.97
C TYR A 231 31.83 3.84 5.69
N LYS A 232 31.44 4.71 4.76
CA LYS A 232 30.84 4.30 3.50
C LYS A 232 29.59 3.48 3.79
N ILE A 233 28.66 4.09 4.54
CA ILE A 233 27.40 3.45 4.87
C ILE A 233 26.26 4.38 4.45
N PRO A 234 25.19 3.85 3.81
CA PRO A 234 24.04 4.67 3.43
C PRO A 234 23.37 5.38 4.60
N LEU A 235 23.17 6.70 4.42
CA LEU A 235 22.36 7.47 5.35
C LEU A 235 20.95 7.64 4.76
N HIS A 236 19.95 7.31 5.59
CA HIS A 236 18.57 7.59 5.28
C HIS A 236 18.04 8.68 6.19
N VAL A 237 17.39 9.67 5.58
CA VAL A 237 16.68 10.72 6.31
C VAL A 237 15.18 10.45 6.19
N ASP A 238 14.57 10.17 7.35
CA ASP A 238 13.14 10.17 7.50
C ASP A 238 12.66 11.62 7.55
N CYS A 239 12.03 12.04 6.45
CA CYS A 239 11.54 13.40 6.35
C CYS A 239 10.02 13.35 6.18
N CYS A 240 9.47 12.14 6.34
CA CYS A 240 8.04 11.91 6.16
C CYS A 240 7.25 13.10 6.70
N LEU A 241 7.60 13.53 7.91
CA LEU A 241 6.80 14.48 8.69
C LEU A 241 7.24 15.92 8.44
N GLY A 242 8.48 16.12 7.96
CA GLY A 242 8.91 17.45 7.56
C GLY A 242 8.31 17.83 6.21
N SER A 243 8.13 16.80 5.38
CA SER A 243 7.40 16.90 4.12
C SER A 243 7.83 18.18 3.39
N PHE A 244 6.85 18.98 2.97
CA PHE A 244 7.14 20.21 2.24
C PHE A 244 7.56 21.30 3.22
N VAL A 245 6.98 21.26 4.43
CA VAL A 245 7.12 22.37 5.35
C VAL A 245 8.60 22.59 5.66
N ILE A 246 9.32 21.51 6.00
CA ILE A 246 10.72 21.61 6.37
C ILE A 246 11.51 22.24 5.22
N ALA A 247 11.05 22.01 3.98
CA ALA A 247 11.77 22.50 2.82
C ALA A 247 11.52 23.98 2.61
N PHE A 248 10.26 24.43 2.78
CA PHE A 248 9.90 25.81 2.50
C PHE A 248 10.28 26.73 3.66
N LEU A 249 10.93 26.18 4.70
CA LEU A 249 11.28 26.95 5.88
C LEU A 249 12.12 28.18 5.52
N LYS A 250 13.19 27.97 4.75
CA LYS A 250 14.11 29.05 4.40
C LYS A 250 13.36 30.10 3.59
N LYS A 251 12.58 29.66 2.61
CA LYS A 251 11.83 30.59 1.77
C LYS A 251 10.88 31.40 2.64
N ALA A 252 10.25 30.72 3.61
CA ALA A 252 9.32 31.36 4.52
C ALA A 252 10.07 32.32 5.46
N GLY A 253 11.40 32.16 5.52
CA GLY A 253 12.24 33.00 6.35
C GLY A 253 12.58 32.33 7.68
N PHE A 254 11.81 31.29 8.05
CA PHE A 254 12.11 30.54 9.26
C PHE A 254 13.48 29.88 9.10
N PRO A 255 14.33 29.86 10.14
CA PRO A 255 15.66 29.26 10.03
C PRO A 255 15.59 27.81 9.57
N SER A 256 16.44 27.44 8.61
CA SER A 256 16.46 26.08 8.08
C SER A 256 17.47 25.22 8.84
N PRO A 257 17.06 24.04 9.36
CA PRO A 257 17.95 23.22 10.18
C PRO A 257 19.30 22.99 9.52
N TYR A 258 20.36 23.48 10.18
CA TYR A 258 21.72 23.23 9.78
C TYR A 258 22.01 23.86 8.41
N GLU A 259 21.30 24.92 8.04
CA GLU A 259 21.59 25.60 6.80
C GLU A 259 23.11 25.64 6.63
N GLU A 260 23.78 26.22 7.64
CA GLU A 260 25.18 26.63 7.55
C GLU A 260 26.11 25.41 7.60
N GLU A 261 25.53 24.22 7.70
CA GLU A 261 26.30 22.99 7.65
C GLU A 261 25.73 22.10 6.54
N GLY A 262 25.16 22.74 5.51
CA GLY A 262 24.79 22.04 4.28
C GLY A 262 23.40 21.42 4.36
N GLY A 263 22.63 21.83 5.36
CA GLY A 263 21.23 21.44 5.48
C GLY A 263 21.04 20.06 6.07
N PHE A 264 20.09 19.30 5.50
CA PHE A 264 19.69 18.01 6.04
C PHE A 264 19.33 17.06 4.91
N ASP A 265 19.58 17.47 3.66
CA ASP A 265 19.12 16.75 2.49
C ASP A 265 20.30 16.39 1.60
N PHE A 266 20.06 16.24 0.29
CA PHE A 266 21.04 15.62 -0.59
C PHE A 266 22.28 16.49 -0.73
N ARG A 267 22.20 17.75 -0.28
CA ARG A 267 23.37 18.61 -0.22
C ARG A 267 24.45 17.94 0.62
N LEU A 268 24.05 17.14 1.61
CA LEU A 268 24.98 16.42 2.45
C LEU A 268 25.37 15.10 1.79
N PRO A 269 26.68 14.92 1.45
CA PRO A 269 27.11 13.81 0.60
C PRO A 269 26.83 12.42 1.16
N GLY A 270 26.67 12.32 2.49
CA GLY A 270 26.37 11.05 3.15
C GLY A 270 24.90 10.66 3.02
N VAL A 271 24.04 11.64 2.69
CA VAL A 271 22.61 11.40 2.58
C VAL A 271 22.31 10.66 1.29
N THR A 272 21.90 9.38 1.40
CA THR A 272 21.72 8.55 0.23
C THR A 272 20.22 8.37 -0.08
N SER A 273 19.37 8.37 0.96
CA SER A 273 17.94 8.23 0.73
C SER A 273 17.13 9.14 1.64
N ILE A 274 16.03 9.68 1.11
CA ILE A 274 15.13 10.53 1.89
C ILE A 274 13.69 10.10 1.66
N SER A 275 12.91 9.99 2.74
CA SER A 275 11.50 9.65 2.62
C SER A 275 10.62 10.87 2.94
N VAL A 276 9.66 11.16 2.04
CA VAL A 276 8.85 12.37 2.15
C VAL A 276 7.38 12.01 1.93
N ASP A 277 6.48 12.55 2.79
CA ASP A 277 5.07 12.21 2.69
C ASP A 277 4.29 13.35 2.04
N THR A 278 3.96 13.18 0.74
CA THR A 278 3.28 14.22 -0.02
C THR A 278 1.88 14.43 0.56
N HIS A 279 1.40 13.35 1.20
CA HIS A 279 0.13 13.43 1.88
C HIS A 279 0.21 14.21 3.20
N TYR A 281 2.26 17.35 4.39
CA TYR A 281 2.27 18.79 4.15
C TYR A 281 2.36 19.15 2.66
N GLY A 282 2.45 18.15 1.79
CA GLY A 282 2.24 18.36 0.37
C GLY A 282 0.75 18.50 0.08
N PHE A 283 -0.06 18.04 1.04
CA PHE A 283 -1.50 18.18 1.01
C PHE A 283 -2.07 17.25 -0.06
N ALA A 284 -1.30 16.25 -0.47
CA ALA A 284 -1.79 15.27 -1.43
C ALA A 284 -2.81 14.39 -0.72
N PRO A 285 -3.71 13.70 -1.46
CA PRO A 285 -4.58 12.70 -0.85
C PRO A 285 -3.77 11.67 -0.05
N LYS A 286 -4.42 11.09 0.96
CA LYS A 286 -3.83 9.98 1.69
C LYS A 286 -3.54 8.84 0.72
N GLY A 287 -2.39 8.19 0.91
CA GLY A 287 -1.93 7.15 0.01
C GLY A 287 -0.90 7.69 -0.99
N ASN A 288 -0.13 8.71 -0.56
CA ASN A 288 0.79 9.40 -1.46
C ASN A 288 2.03 9.87 -0.72
N SER A 289 3.10 9.07 -0.90
CA SER A 289 4.42 9.39 -0.39
C SER A 289 5.45 9.19 -1.51
N VAL A 290 6.66 9.71 -1.26
CA VAL A 290 7.76 9.62 -2.21
C VAL A 290 9.03 9.24 -1.46
N LEU A 291 9.75 8.27 -2.05
CA LEU A 291 11.07 7.88 -1.59
C LEU A 291 12.11 8.31 -2.63
N LEU A 292 13.13 9.00 -2.14
CA LEU A 292 14.18 9.60 -2.96
C LEU A 292 15.51 8.92 -2.66
N TYR A 293 16.24 8.64 -3.75
CA TYR A 293 17.56 8.03 -3.74
C TYR A 293 18.55 8.90 -4.50
N ARG A 294 19.78 8.99 -3.96
CA ARG A 294 20.82 9.83 -4.51
C ARG A 294 21.13 9.41 -5.96
N ASN A 295 20.84 8.16 -6.30
CA ASN A 295 21.11 7.69 -7.65
C ASN A 295 20.25 6.48 -7.99
N LYS A 296 19.87 6.38 -9.27
CA LYS A 296 19.15 5.23 -9.79
C LYS A 296 19.77 3.93 -9.25
N THR A 297 21.10 3.87 -9.35
CA THR A 297 21.87 2.72 -8.90
C THR A 297 21.29 2.21 -7.59
N TYR A 298 21.06 3.12 -6.64
CA TYR A 298 20.46 2.74 -5.38
C TYR A 298 19.05 2.24 -5.57
N ARG A 299 18.22 3.12 -6.12
CA ARG A 299 16.81 2.86 -6.20
C ARG A 299 16.63 1.40 -6.61
N SER A 300 17.40 1.00 -7.63
CA SER A 300 17.23 -0.31 -8.24
C SER A 300 17.13 -1.43 -7.20
N TYR A 301 17.91 -1.37 -6.10
CA TYR A 301 17.95 -2.47 -5.15
C TYR A 301 16.57 -2.80 -4.60
N GLN A 302 15.64 -1.83 -4.61
CA GLN A 302 14.34 -2.05 -3.99
C GLN A 302 13.39 -2.71 -4.98
N TYR A 303 13.79 -2.78 -6.25
CA TYR A 303 12.94 -3.35 -7.29
C TYR A 303 12.79 -4.85 -7.07
N PHE A 304 11.61 -5.38 -7.42
CA PHE A 304 11.42 -6.83 -7.44
C PHE A 304 11.20 -7.28 -8.88
N ILE A 305 12.14 -8.11 -9.36
CA ILE A 305 12.05 -8.69 -10.70
C ILE A 305 12.05 -10.21 -10.54
N TYR A 306 11.02 -10.85 -11.09
CA TYR A 306 10.96 -12.31 -11.19
C TYR A 306 10.70 -12.69 -12.64
N PRO A 307 11.75 -13.12 -13.38
CA PRO A 307 11.63 -13.37 -14.83
C PRO A 307 11.12 -14.74 -15.27
N ASP A 308 11.16 -15.73 -14.37
CA ASP A 308 10.90 -17.12 -14.73
C ASP A 308 9.40 -17.44 -14.65
N TRP A 309 8.58 -16.45 -14.30
CA TRP A 309 7.20 -16.71 -13.95
C TRP A 309 6.40 -17.13 -15.19
N SER A 310 5.56 -18.15 -15.02
CA SER A 310 4.76 -18.71 -16.11
C SER A 310 3.87 -17.65 -16.73
N GLY A 311 3.53 -16.63 -15.94
CA GLY A 311 2.65 -15.55 -16.38
C GLY A 311 3.42 -14.45 -17.12
N GLY A 312 4.74 -14.59 -17.21
CA GLY A 312 5.58 -13.57 -17.84
C GLY A 312 6.47 -12.90 -16.80
N VAL A 313 7.47 -12.16 -17.29
CA VAL A 313 8.44 -11.51 -16.43
C VAL A 313 7.68 -10.54 -15.52
N TYR A 314 7.73 -10.79 -14.21
CA TYR A 314 7.10 -9.88 -13.27
C TYR A 314 8.13 -8.85 -12.81
N ALA A 315 7.72 -7.58 -12.79
CA ALA A 315 8.58 -6.52 -12.30
C ALA A 315 7.72 -5.52 -11.52
N SER A 316 8.19 -5.15 -10.32
CA SER A 316 7.51 -4.12 -9.55
C SER A 316 8.53 -3.25 -8.83
N PRO A 317 8.33 -1.91 -8.87
CA PRO A 317 9.29 -0.96 -8.28
C PRO A 317 9.22 -0.87 -6.76
N SER A 318 8.06 -1.20 -6.19
CA SER A 318 7.85 -1.10 -4.75
C SER A 318 7.19 -2.37 -4.24
N VAL A 319 6.47 -2.27 -3.13
CA VAL A 319 5.78 -3.39 -2.53
C VAL A 319 4.61 -3.80 -3.43
N ALA A 320 3.76 -2.82 -3.76
CA ALA A 320 2.52 -3.07 -4.48
C ALA A 320 2.81 -3.43 -5.92
N GLY A 321 2.06 -4.42 -6.44
CA GLY A 321 1.94 -4.64 -7.86
C GLY A 321 0.98 -3.62 -8.48
N SER A 322 -0.32 -3.79 -8.19
CA SER A 322 -1.35 -2.86 -8.63
C SER A 322 -1.35 -1.65 -7.71
N ARG A 323 -1.60 -0.47 -8.30
CA ARG A 323 -1.64 0.77 -7.53
C ARG A 323 -2.75 1.68 -8.07
N PRO A 324 -3.12 2.75 -7.33
CA PRO A 324 -4.16 3.69 -7.74
C PRO A 324 -3.70 4.93 -8.51
N GLY A 325 -3.77 4.85 -9.84
CA GLY A 325 -3.46 6.00 -10.67
C GLY A 325 -4.27 7.22 -10.24
N ALA A 326 -5.52 6.98 -9.83
CA ALA A 326 -6.37 8.06 -9.36
C ALA A 326 -5.64 8.88 -8.29
N LEU A 327 -5.15 8.19 -7.25
CA LEU A 327 -4.45 8.86 -6.16
C LEU A 327 -3.20 9.55 -6.71
N ILE A 328 -2.48 8.87 -7.61
CA ILE A 328 -1.26 9.47 -8.14
C ILE A 328 -1.62 10.84 -8.73
N ALA A 329 -2.65 10.85 -9.59
CA ALA A 329 -3.09 12.08 -10.26
C ALA A 329 -3.48 13.13 -9.23
N GLY A 330 -4.23 12.69 -8.20
CA GLY A 330 -4.59 13.57 -7.10
C GLY A 330 -3.35 14.28 -6.56
N CYS A 331 -2.38 13.48 -6.11
CA CYS A 331 -1.13 14.04 -5.61
C CYS A 331 -0.59 15.08 -6.60
N TRP A 332 -0.44 14.67 -7.87
CA TRP A 332 0.12 15.56 -8.88
C TRP A 332 -0.58 16.91 -8.85
N ALA A 333 -1.88 16.91 -9.16
CA ALA A 333 -2.61 18.17 -9.24
C ALA A 333 -2.43 18.94 -7.94
N SER A 334 -2.71 18.31 -6.80
CA SER A 334 -2.52 18.97 -5.52
C SER A 334 -1.27 19.86 -5.60
N LEU A 335 -0.14 19.23 -5.97
CA LEU A 335 1.11 19.96 -6.04
C LEU A 335 0.95 21.16 -6.97
N MET A 336 0.42 20.90 -8.17
CA MET A 336 0.35 21.90 -9.21
C MET A 336 -0.58 23.05 -8.78
N SER A 337 -1.65 22.72 -8.05
CA SER A 337 -2.64 23.70 -7.62
C SER A 337 -2.09 24.55 -6.49
N VAL A 338 -1.34 23.93 -5.57
CA VAL A 338 -0.80 24.68 -4.45
C VAL A 338 0.36 25.54 -4.93
N GLY A 339 1.40 24.91 -5.48
CA GLY A 339 2.54 25.65 -5.98
C GLY A 339 3.37 26.30 -4.87
N GLU A 340 4.59 26.68 -5.27
CA GLU A 340 5.63 27.20 -4.39
C GLU A 340 5.03 28.23 -3.45
N THR A 341 4.35 29.23 -4.03
CA THR A 341 3.71 30.28 -3.25
C THR A 341 2.84 29.66 -2.17
N GLY A 342 1.89 28.82 -2.61
CA GLY A 342 0.98 28.16 -1.70
C GLY A 342 1.72 27.55 -0.52
N TYR A 343 2.77 26.78 -0.83
CA TYR A 343 3.50 26.04 0.18
C TYR A 343 4.22 27.01 1.12
N ILE A 344 4.82 28.06 0.56
CA ILE A 344 5.44 29.09 1.39
C ILE A 344 4.41 29.65 2.35
N ASN A 345 3.23 30.02 1.82
CA ASN A 345 2.17 30.59 2.63
C ASN A 345 1.79 29.64 3.76
N SER A 346 1.41 28.40 3.39
CA SER A 346 0.99 27.43 4.37
C SER A 346 2.07 27.27 5.43
N CYS A 347 3.33 27.18 4.97
CA CYS A 347 4.46 27.10 5.88
C CYS A 347 4.42 28.25 6.87
N LEU A 348 4.38 29.48 6.34
CA LEU A 348 4.28 30.67 7.16
C LEU A 348 3.26 30.44 8.27
N GLU A 349 2.02 30.11 7.88
CA GLU A 349 0.95 29.96 8.86
C GLU A 349 1.33 28.89 9.88
N ILE A 350 1.56 27.67 9.40
CA ILE A 350 1.72 26.52 10.27
C ILE A 350 2.86 26.76 11.26
N ILE A 351 4.01 27.18 10.74
CA ILE A 351 5.19 27.38 11.56
C ILE A 351 4.94 28.54 12.52
N GLY A 352 4.33 29.62 12.00
CA GLY A 352 3.89 30.72 12.85
C GLY A 352 3.12 30.22 14.06
N ALA A 353 2.07 29.43 13.80
CA ALA A 353 1.25 28.88 14.87
C ALA A 353 2.11 28.10 15.85
N ALA A 354 2.92 27.16 15.33
CA ALA A 354 3.80 26.37 16.16
C ALA A 354 4.60 27.29 17.09
N LYS A 355 5.29 28.26 16.50
CA LYS A 355 6.15 29.17 17.25
C LYS A 355 5.32 29.90 18.32
N LYS A 356 4.13 30.37 17.92
CA LYS A 356 3.27 31.08 18.86
C LYS A 356 2.96 30.18 20.05
N PHE A 357 2.51 28.95 19.77
CA PHE A 357 2.22 27.99 20.83
C PHE A 357 3.45 27.83 21.73
N GLU A 358 4.60 27.55 21.09
CA GLU A 358 5.84 27.35 21.81
C GLU A 358 6.09 28.53 22.75
N ALA A 359 5.93 29.75 22.24
CA ALA A 359 6.11 30.96 23.03
C ALA A 359 5.13 30.94 24.21
N SER A 360 3.86 30.71 23.90
CA SER A 360 2.81 30.67 24.90
C SER A 360 3.25 29.79 26.08
N ILE A 361 3.72 28.57 25.79
CA ILE A 361 4.11 27.65 26.85
C ILE A 361 5.23 28.25 27.69
N LYS A 362 6.16 28.97 27.05
CA LYS A 362 7.36 29.43 27.72
C LYS A 362 7.09 30.70 28.51
N GLU A 363 6.08 31.48 28.09
CA GLU A 363 5.89 32.83 28.60
C GLU A 363 4.67 32.91 29.52
N HIS A 364 3.60 32.18 29.21
CA HIS A 364 2.35 32.36 29.92
C HIS A 364 2.52 32.03 31.41
N PRO A 365 2.19 32.99 32.31
CA PRO A 365 2.55 32.89 33.72
C PRO A 365 2.31 31.50 34.32
N VAL A 366 1.13 30.95 34.04
CA VAL A 366 0.78 29.61 34.48
C VAL A 366 1.74 28.62 33.80
N LEU A 367 1.61 28.51 32.47
CA LEU A 367 2.21 27.41 31.73
C LEU A 367 3.71 27.37 31.98
N SER A 368 4.35 28.53 31.86
CA SER A 368 5.80 28.66 32.00
C SER A 368 6.29 28.06 33.32
N LYS A 369 5.39 27.97 34.32
CA LYS A 369 5.78 27.48 35.63
C LYS A 369 5.62 25.96 35.70
N ASN A 370 4.67 25.42 34.93
CA ASN A 370 4.18 24.07 35.18
C ASN A 370 4.62 23.10 34.09
N LEU A 371 4.83 23.64 32.87
CA LEU A 371 5.16 22.84 31.70
C LEU A 371 6.53 23.24 31.17
N GLY A 372 7.08 22.39 30.29
CA GLY A 372 8.33 22.68 29.62
C GLY A 372 8.39 22.03 28.24
N ILE A 373 8.93 22.77 27.27
CA ILE A 373 9.09 22.27 25.91
C ILE A 373 10.14 21.16 25.92
N VAL A 374 9.94 20.13 25.10
CA VAL A 374 10.88 19.04 24.94
C VAL A 374 11.84 19.38 23.80
N GLY A 375 13.09 19.72 24.15
CA GLY A 375 14.09 20.07 23.17
C GLY A 375 13.85 21.46 22.59
N LYS A 376 14.33 21.66 21.35
CA LYS A 376 14.17 22.93 20.65
C LYS A 376 13.56 22.67 19.28
N PRO A 377 12.21 22.45 19.19
CA PRO A 377 11.58 22.11 17.93
C PRO A 377 11.64 23.29 16.97
N MET A 378 11.89 22.99 15.69
CA MET A 378 12.12 24.02 14.69
C MET A 378 10.99 24.04 13.66
N VAL A 379 10.22 22.95 13.59
CA VAL A 379 9.30 22.76 12.47
C VAL A 379 7.86 22.89 12.97
N SER A 380 7.03 21.86 12.73
CA SER A 380 5.58 21.99 12.86
C SER A 380 5.07 21.24 14.08
N VAL A 381 5.99 20.60 14.81
CA VAL A 381 5.64 19.73 15.92
C VAL A 381 6.18 20.32 17.22
N VAL A 382 5.27 20.57 18.17
CA VAL A 382 5.68 21.08 19.47
C VAL A 382 5.28 20.07 20.55
N ALA A 383 6.29 19.60 21.28
CA ALA A 383 6.10 18.63 22.35
C ALA A 383 6.42 19.30 23.69
N PHE A 384 5.54 19.12 24.67
CA PHE A 384 5.70 19.69 26.00
C PHE A 384 5.45 18.61 27.06
N GLN A 385 6.09 18.80 28.22
CA GLN A 385 5.99 17.88 29.33
C GLN A 385 5.76 18.66 30.62
N SER A 386 5.46 17.93 31.70
CA SER A 386 5.26 18.51 33.01
C SER A 386 6.60 18.76 33.69
N GLN A 387 6.74 19.98 34.22
CA GLN A 387 7.84 20.36 35.09
C GLN A 387 7.35 20.51 36.53
N ASN A 388 6.09 20.14 36.76
CA ASN A 388 5.51 20.19 38.10
C ASN A 388 4.91 18.83 38.47
N GLY A 389 5.44 18.21 39.54
CA GLY A 389 4.99 16.90 39.99
C GLY A 389 3.53 16.88 40.43
N ALA A 390 2.94 18.06 40.57
CA ALA A 390 1.52 18.21 40.91
C ALA A 390 0.66 18.08 39.67
N VAL A 391 1.26 18.35 38.50
CA VAL A 391 0.56 18.27 37.23
C VAL A 391 1.07 17.05 36.48
N ASP A 392 0.20 16.05 36.32
CA ASP A 392 0.53 14.86 35.54
C ASP A 392 0.11 15.11 34.09
N ILE A 393 1.10 15.00 33.19
CA ILE A 393 0.93 15.40 31.80
C ILE A 393 -0.25 14.63 31.21
N TYR A 394 -0.31 13.31 31.48
CA TYR A 394 -1.38 12.47 30.96
C TYR A 394 -2.72 13.01 31.44
N ASP A 395 -2.77 13.49 32.69
CA ASP A 395 -3.98 14.08 33.24
C ASP A 395 -4.37 15.31 32.40
N VAL A 396 -3.35 16.09 32.00
CA VAL A 396 -3.56 17.25 31.15
C VAL A 396 -4.16 16.77 29.83
N ALA A 397 -3.54 15.73 29.28
CA ALA A 397 -4.01 15.11 28.04
C ALA A 397 -5.49 14.78 28.16
N ASP A 398 -5.85 14.04 29.21
CA ASP A 398 -7.24 13.63 29.40
C ASP A 398 -8.12 14.86 29.56
N GLY A 399 -7.60 15.87 30.24
CA GLY A 399 -8.29 17.13 30.43
C GLY A 399 -8.63 17.80 29.09
N LEU A 400 -7.66 17.84 28.19
CA LEU A 400 -7.85 18.40 26.87
C LEU A 400 -8.78 17.53 26.03
N SER A 401 -8.64 16.21 26.20
CA SER A 401 -9.48 15.23 25.52
C SER A 401 -10.93 15.49 25.89
N ALA A 402 -11.17 15.72 27.19
CA ALA A 402 -12.51 16.05 27.67
C ALA A 402 -13.00 17.35 27.04
N LYS A 403 -12.07 18.18 26.55
CA LYS A 403 -12.44 19.44 25.91
C LYS A 403 -12.54 19.26 24.41
N GLY A 404 -12.39 18.02 23.95
CA GLY A 404 -12.59 17.67 22.55
C GLY A 404 -11.30 17.72 21.73
N TRP A 405 -10.15 17.79 22.41
CA TRP A 405 -8.88 17.82 21.70
C TRP A 405 -8.35 16.40 21.49
N HIS A 406 -7.79 16.16 20.30
CA HIS A 406 -7.11 14.91 19.99
C HIS A 406 -5.64 15.22 19.71
N LEU A 407 -4.86 15.24 20.80
CA LEU A 407 -3.43 15.50 20.76
C LEU A 407 -2.69 14.17 20.91
N ASN A 408 -1.36 14.20 20.78
CA ASN A 408 -0.59 12.96 20.81
C ASN A 408 0.12 12.84 22.15
N ALA A 409 -0.13 11.72 22.85
CA ALA A 409 0.51 11.43 24.12
C ALA A 409 1.77 10.60 23.88
N LEU A 410 2.87 11.03 24.52
CA LEU A 410 4.18 10.42 24.33
C LEU A 410 4.59 9.65 25.58
N GLN A 411 5.70 8.92 25.49
CA GLN A 411 6.11 8.00 26.54
C GLN A 411 7.47 8.39 27.13
N SER A 412 8.48 8.51 26.26
CA SER A 412 9.84 8.75 26.73
C SER A 412 10.36 10.08 26.18
N PRO A 413 10.31 11.17 26.99
CA PRO A 413 9.68 11.12 28.31
C PRO A 413 8.17 11.24 28.19
N PRO A 414 7.42 11.15 29.32
CA PRO A 414 6.00 11.50 29.33
C PRO A 414 5.78 12.95 28.89
N ALA A 415 5.01 13.13 27.83
CA ALA A 415 4.78 14.43 27.24
C ALA A 415 3.55 14.38 26.34
N ILE A 416 3.16 15.55 25.82
CA ILE A 416 2.15 15.63 24.77
C ILE A 416 2.75 16.42 23.62
N HIS A 417 2.38 16.07 22.38
CA HIS A 417 2.82 16.87 21.25
C HIS A 417 1.61 17.29 20.41
N VAL A 418 1.80 18.45 19.76
CA VAL A 418 0.90 18.94 18.75
C VAL A 418 1.68 19.04 17.44
N ALA A 419 1.15 18.36 16.42
CA ALA A 419 1.61 18.50 15.04
C ALA A 419 0.66 19.43 14.31
N PHE A 420 1.14 20.65 14.04
CA PHE A 420 0.31 21.73 13.55
C PHE A 420 0.00 21.52 12.07
N THR A 421 -1.29 21.71 11.74
CA THR A 421 -1.81 21.62 10.39
C THR A 421 -2.67 22.85 10.12
N ILE A 422 -2.99 23.10 8.84
CA ILE A 422 -3.70 24.33 8.48
C ILE A 422 -4.86 24.52 9.45
N PRO A 423 -5.70 23.49 9.71
CA PRO A 423 -6.75 23.57 10.73
C PRO A 423 -6.26 23.97 12.13
N THR A 424 -5.33 23.19 12.70
CA THR A 424 -4.93 23.38 14.09
C THR A 424 -4.31 24.76 14.27
N ALA A 425 -3.60 25.22 13.23
CA ALA A 425 -2.97 26.53 13.21
C ALA A 425 -4.03 27.62 13.44
N ALA A 426 -5.27 27.36 13.01
CA ALA A 426 -6.35 28.32 13.15
C ALA A 426 -6.95 28.27 14.55
N ALA A 427 -6.56 27.26 15.34
CA ALA A 427 -7.15 27.02 16.66
C ALA A 427 -6.12 27.21 17.78
N VAL A 428 -4.87 27.49 17.39
CA VAL A 428 -3.76 27.61 18.34
C VAL A 428 -4.19 28.39 19.59
N GLU A 429 -4.82 29.55 19.42
CA GLU A 429 -5.20 30.38 20.55
C GLU A 429 -6.11 29.59 21.49
N LYS A 430 -7.16 29.00 20.91
CA LYS A 430 -8.16 28.25 21.66
C LYS A 430 -7.44 27.13 22.40
N LEU A 431 -6.56 26.41 21.69
CA LEU A 431 -5.75 25.38 22.30
C LEU A 431 -5.05 25.96 23.53
N THR A 432 -4.34 27.08 23.35
CA THR A 432 -3.61 27.72 24.43
C THR A 432 -4.55 27.95 25.62
N THR A 433 -5.67 28.63 25.35
CA THR A 433 -6.65 28.91 26.38
C THR A 433 -7.00 27.61 27.13
N ASP A 434 -7.51 26.62 26.39
CA ASP A 434 -7.98 25.39 27.00
C ASP A 434 -6.87 24.74 27.82
N LEU A 435 -5.63 24.81 27.32
CA LEU A 435 -4.50 24.23 28.02
C LEU A 435 -4.34 24.94 29.37
N VAL A 436 -4.30 26.28 29.34
CA VAL A 436 -4.19 27.04 30.57
C VAL A 436 -5.22 26.53 31.57
N GLU A 437 -6.49 26.57 31.15
CA GLU A 437 -7.60 26.18 32.02
C GLU A 437 -7.35 24.76 32.58
N THR A 438 -7.04 23.83 31.67
CA THR A 438 -6.77 22.46 32.05
C THR A 438 -5.73 22.44 33.17
N VAL A 439 -4.59 23.11 32.93
CA VAL A 439 -3.51 23.11 33.90
C VAL A 439 -4.06 23.62 35.23
N GLU A 440 -4.63 24.83 35.23
CA GLU A 440 -5.19 25.38 36.47
C GLU A 440 -5.94 24.29 37.22
N LYS A 441 -6.89 23.64 36.52
CA LYS A 441 -7.75 22.65 37.17
C LYS A 441 -6.89 21.65 37.95
N GLU A 442 -5.86 21.11 37.31
CA GLU A 442 -5.04 20.06 37.92
C GLU A 442 -4.36 20.62 39.16
N LEU A 443 -3.95 21.90 39.09
CA LEU A 443 -3.32 22.56 40.22
C LEU A 443 -4.30 22.58 41.40
N GLU A 444 -5.54 22.97 41.11
CA GLU A 444 -6.58 22.96 42.14
C GLU A 444 -6.71 21.55 42.71
N LYS A 445 -6.83 20.55 41.84
CA LYS A 445 -6.93 19.17 42.29
C LYS A 445 -5.81 18.90 43.30
N ALA A 446 -4.57 19.19 42.89
CA ALA A 446 -3.44 19.01 43.80
C ALA A 446 -3.69 19.76 45.10
N GLU A 447 -4.14 21.03 44.99
CA GLU A 447 -4.45 21.82 46.17
C GLU A 447 -5.49 21.07 47.01
N GLU A 448 -6.53 20.55 46.35
CA GLU A 448 -7.58 19.82 47.03
C GLU A 448 -6.97 18.55 47.64
N ARG A 449 -6.05 17.93 46.90
CA ARG A 449 -5.36 16.75 47.40
C ARG A 449 -4.65 17.11 48.69
N LYS A 450 -3.84 18.17 48.66
CA LYS A 450 -3.08 18.61 49.83
C LYS A 450 -4.03 18.96 50.98
N ARG A 451 -5.11 19.70 50.66
CA ARG A 451 -6.11 20.09 51.65
C ARG A 451 -6.64 18.81 52.30
N GLN A 452 -7.03 17.82 51.49
CA GLN A 452 -7.55 16.56 51.99
C GLN A 452 -6.43 15.78 52.66
N GLY A 453 -5.18 16.14 52.29
CA GLY A 453 -4.00 15.42 52.75
C GLY A 453 -3.29 14.62 51.63
N LYS A 454 -3.98 14.28 50.49
CA LYS A 454 -3.49 13.42 49.39
C LYS A 454 -3.33 14.07 47.95
N GLY A 461 -7.62 7.52 40.51
CA GLY A 461 -8.52 7.91 39.40
C GLY A 461 -7.79 8.38 38.15
N ASP A 462 -6.46 8.24 38.15
CA ASP A 462 -5.63 8.82 37.11
C ASP A 462 -5.84 8.07 35.81
N THR A 463 -6.35 8.78 34.80
CA THR A 463 -6.58 8.17 33.51
C THR A 463 -5.28 8.24 32.71
N SER A 464 -5.34 7.94 31.41
CA SER A 464 -4.14 7.96 30.60
C SER A 464 -3.06 7.12 31.27
N ALA A 465 -3.42 6.47 32.40
CA ALA A 465 -2.50 5.60 33.10
C ALA A 465 -2.05 4.49 32.14
N LEU A 466 -2.90 4.17 31.17
CA LEU A 466 -2.52 3.20 30.17
C LEU A 466 -1.15 3.57 29.62
N TYR A 467 -0.90 4.88 29.44
CA TYR A 467 0.37 5.34 28.94
C TYR A 467 1.29 5.66 30.10
N GLY A 468 0.70 5.88 31.29
CA GLY A 468 1.46 6.18 32.49
C GLY A 468 1.72 4.91 33.29
N VAL A 469 0.75 4.54 34.14
CA VAL A 469 0.83 3.33 34.95
C VAL A 469 1.18 2.14 34.05
N ALA A 470 0.38 1.92 33.00
CA ALA A 470 0.62 0.82 32.08
C ALA A 470 1.94 1.01 31.33
N GLY A 471 2.25 2.28 31.02
CA GLY A 471 3.52 2.62 30.40
C GLY A 471 4.70 2.21 31.29
N SER A 472 4.47 2.26 32.60
CA SER A 472 5.49 1.94 33.59
C SER A 472 5.40 0.46 34.00
N LEU A 473 4.30 -0.21 33.60
CA LEU A 473 4.11 -1.61 33.95
C LEU A 473 5.35 -2.40 33.52
N PRO A 474 5.76 -3.43 34.33
CA PRO A 474 6.97 -4.18 34.04
C PRO A 474 6.98 -4.90 32.69
N ASP A 475 5.91 -5.66 32.42
CA ASP A 475 5.77 -6.34 31.15
C ASP A 475 5.00 -5.44 30.18
N LYS A 476 5.17 -5.68 28.87
CA LYS A 476 4.44 -4.95 27.87
C LYS A 476 3.27 -5.78 27.35
N SER A 477 3.31 -7.09 27.64
CA SER A 477 2.23 -7.99 27.25
C SER A 477 0.88 -7.31 27.41
N ILE A 478 0.71 -6.55 28.51
CA ILE A 478 -0.54 -5.89 28.81
C ILE A 478 -0.91 -4.98 27.63
N VAL A 479 -0.06 -3.98 27.35
CA VAL A 479 -0.34 -3.03 26.29
C VAL A 479 -0.46 -3.79 24.96
N SER A 480 0.38 -4.82 24.79
CA SER A 480 0.29 -5.65 23.60
C SER A 480 -1.15 -6.10 23.37
N ARG A 481 -1.71 -6.83 24.34
CA ARG A 481 -3.07 -7.34 24.23
C ARG A 481 -4.03 -6.17 23.99
N LEU A 482 -3.81 -5.06 24.70
CA LEU A 482 -4.69 -3.92 24.58
C LEU A 482 -4.79 -3.48 23.12
N ALA A 483 -3.62 -3.30 22.48
CA ALA A 483 -3.58 -2.90 21.08
C ALA A 483 -4.24 -3.96 20.21
N GLU A 484 -3.84 -5.22 20.42
CA GLU A 484 -4.41 -6.32 19.64
C GLU A 484 -5.93 -6.16 19.60
N GLY A 485 -6.53 -5.91 20.77
CA GLY A 485 -7.95 -5.64 20.84
C GLY A 485 -8.33 -4.49 19.90
N PHE A 486 -7.73 -3.32 20.12
CA PHE A 486 -7.94 -2.16 19.28
C PHE A 486 -8.05 -2.61 17.82
N LEU A 487 -6.98 -3.26 17.34
CA LEU A 487 -6.90 -3.65 15.93
C LEU A 487 -8.08 -4.56 15.58
N ASP A 488 -8.38 -5.56 16.43
CA ASP A 488 -9.50 -6.44 16.16
C ASP A 488 -10.76 -5.58 15.99
N THR A 489 -10.98 -4.69 16.96
CA THR A 489 -12.10 -3.78 16.96
C THR A 489 -12.22 -3.10 15.60
N LEU A 490 -11.08 -2.61 15.08
CA LEU A 490 -11.07 -1.91 13.81
C LEU A 490 -11.90 -2.68 12.75
N TYR A 491 -11.93 -4.02 12.84
CA TYR A 491 -12.57 -4.82 11.80
C TYR A 491 -13.84 -5.49 12.32
N LYS A 492 -14.24 -5.18 13.55
CA LYS A 492 -15.45 -5.76 14.14
C LYS A 492 -16.68 -5.04 13.57
N ALA A 493 -17.54 -5.79 12.88
CA ALA A 493 -18.82 -5.25 12.43
C ALA A 493 -19.97 -6.05 13.04
N GLY A 494 -19.66 -7.29 13.49
CA GLY A 494 -20.67 -8.19 13.99
C GLY A 494 -20.21 -8.94 15.23
N VAL B 8 26.09 -7.44 -26.05
CA VAL B 8 24.95 -7.57 -25.09
C VAL B 8 24.54 -6.18 -24.62
N ASP B 9 25.50 -5.46 -24.03
CA ASP B 9 25.27 -4.14 -23.47
C ASP B 9 24.57 -3.24 -24.51
N LYS B 10 25.11 -3.21 -25.72
CA LYS B 10 24.61 -2.34 -26.76
C LYS B 10 23.16 -2.74 -27.06
N GLN B 11 22.93 -4.05 -27.20
CA GLN B 11 21.61 -4.58 -27.50
C GLN B 11 20.61 -4.14 -26.43
N VAL B 12 20.99 -4.39 -25.17
CA VAL B 12 20.24 -3.94 -24.01
C VAL B 12 19.91 -2.47 -24.18
N SER B 13 20.95 -1.62 -24.20
CA SER B 13 20.78 -0.18 -24.26
C SER B 13 19.78 0.18 -25.36
N THR B 14 19.94 -0.44 -26.54
CA THR B 14 19.02 -0.20 -27.65
C THR B 14 17.59 -0.54 -27.20
N ALA B 15 17.42 -1.77 -26.69
CA ALA B 15 16.13 -2.24 -26.25
C ALA B 15 15.50 -1.22 -25.30
N ILE B 16 16.26 -0.85 -24.27
CA ILE B 16 15.79 0.12 -23.28
C ILE B 16 15.37 1.39 -24.00
N GLU B 17 16.26 1.93 -24.86
CA GLU B 17 15.96 3.14 -25.60
C GLU B 17 14.62 2.99 -26.33
N ASN B 18 14.37 1.80 -26.88
CA ASN B 18 13.11 1.54 -27.57
C ASN B 18 11.95 1.62 -26.59
N ILE B 19 12.14 1.03 -25.40
CA ILE B 19 11.11 1.05 -24.38
C ILE B 19 10.80 2.51 -24.02
N GLU B 20 11.84 3.25 -23.61
CA GLU B 20 11.70 4.66 -23.27
C GLU B 20 10.97 5.39 -24.39
N ASN B 21 11.44 5.18 -25.63
CA ASN B 21 10.84 5.80 -26.81
C ASN B 21 9.43 5.25 -27.03
N LYS B 22 9.05 4.21 -26.29
CA LYS B 22 7.72 3.66 -26.46
C LYS B 22 6.80 3.97 -25.28
N LEU B 23 7.33 4.49 -24.16
CA LEU B 23 6.49 4.76 -23.01
C LEU B 23 6.50 6.25 -22.70
N VAL B 24 7.69 6.86 -22.77
CA VAL B 24 7.82 8.28 -22.51
C VAL B 24 7.29 9.05 -23.72
N ALA B 25 6.19 9.77 -23.52
CA ALA B 25 5.65 10.66 -24.53
C ALA B 25 6.49 11.91 -24.59
N SER B 26 7.19 12.10 -25.72
CA SER B 26 7.88 13.34 -25.99
C SER B 26 7.26 13.97 -27.24
N GLY B 27 7.89 15.02 -27.75
CA GLY B 27 7.43 15.66 -28.97
C GLY B 27 6.70 16.97 -28.67
N PRO B 28 6.65 17.87 -29.68
CA PRO B 28 6.14 19.21 -29.47
C PRO B 28 4.82 19.16 -28.71
N GLY B 29 4.66 20.08 -27.76
CA GLY B 29 3.46 20.14 -26.95
C GLY B 29 3.58 19.35 -25.65
N VAL B 30 4.50 18.37 -25.60
CA VAL B 30 4.72 17.67 -24.35
C VAL B 30 5.44 18.60 -23.38
N THR B 31 4.68 19.23 -22.49
CA THR B 31 5.26 20.08 -21.45
C THR B 31 5.61 19.19 -20.26
N ARG B 32 6.89 19.23 -19.86
CA ARG B 32 7.36 18.46 -18.72
C ARG B 32 7.53 19.37 -17.51
N TYR B 33 6.72 19.12 -16.49
CA TYR B 33 6.77 19.90 -15.25
C TYR B 33 7.69 19.18 -14.27
N LEU B 34 8.91 19.70 -14.12
CA LEU B 34 9.95 19.05 -13.34
C LEU B 34 10.19 19.79 -12.02
N THR B 35 9.55 20.96 -11.87
CA THR B 35 9.61 21.70 -10.62
C THR B 35 8.23 22.29 -10.32
N LEU B 36 7.94 22.48 -9.03
CA LEU B 36 6.67 23.06 -8.62
C LEU B 36 6.45 24.36 -9.39
N PRO B 37 5.20 24.64 -9.83
CA PRO B 37 4.89 25.95 -10.38
C PRO B 37 5.17 26.97 -9.28
N GLN B 38 5.41 28.20 -9.70
CA GLN B 38 5.84 29.26 -8.81
C GLN B 38 4.61 29.88 -8.16
N THR B 39 3.54 29.96 -8.95
CA THR B 39 2.22 30.34 -8.47
C THR B 39 1.25 29.21 -8.76
N GLY B 40 0.40 28.91 -7.78
CA GLY B 40 -0.58 27.84 -7.92
C GLY B 40 -1.43 28.04 -9.18
N TRP B 41 -1.65 26.94 -9.92
CA TRP B 41 -2.53 26.95 -11.06
C TRP B 41 -3.98 27.15 -10.62
N THR B 42 -4.84 27.52 -11.57
CA THR B 42 -6.25 27.68 -11.29
C THR B 42 -6.98 26.37 -11.52
N PRO B 43 -8.13 26.18 -10.82
CA PRO B 43 -8.92 24.95 -10.96
C PRO B 43 -9.13 24.60 -12.43
N GLU B 44 -9.49 25.61 -13.23
CA GLU B 44 -9.74 25.44 -14.65
C GLU B 44 -8.46 24.99 -15.36
N GLN B 45 -7.32 25.63 -15.03
CA GLN B 45 -6.05 25.25 -15.62
C GLN B 45 -5.80 23.77 -15.36
N ILE B 46 -5.90 23.38 -14.08
CA ILE B 46 -5.69 22.00 -13.70
C ILE B 46 -6.63 21.10 -14.50
N ARG B 47 -7.94 21.40 -14.46
CA ARG B 47 -8.94 20.59 -15.16
C ARG B 47 -8.51 20.40 -16.61
N THR B 48 -8.19 21.52 -17.27
CA THR B 48 -7.74 21.52 -18.64
C THR B 48 -6.60 20.51 -18.82
N GLU B 49 -5.52 20.69 -18.06
CA GLU B 49 -4.37 19.82 -18.19
C GLU B 49 -4.81 18.36 -18.04
N LEU B 50 -5.54 18.11 -16.94
CA LEU B 50 -5.98 16.77 -16.60
C LEU B 50 -6.73 16.16 -17.77
N ASP B 51 -7.60 16.94 -18.44
CA ASP B 51 -8.33 16.41 -19.58
C ASP B 51 -7.31 16.01 -20.64
N LYS B 52 -6.35 16.90 -20.92
CA LYS B 52 -5.29 16.61 -21.88
C LYS B 52 -4.67 15.26 -21.57
N LEU B 53 -4.20 15.12 -20.33
CA LEU B 53 -3.57 13.89 -19.88
C LEU B 53 -4.51 12.71 -20.15
N ALA B 54 -5.77 12.85 -19.73
CA ALA B 54 -6.76 11.79 -19.87
C ALA B 54 -6.92 11.41 -21.35
N ASN B 55 -6.72 12.36 -22.26
CA ASN B 55 -6.97 12.11 -23.67
C ASN B 55 -5.67 11.89 -24.46
N MET B 56 -4.56 11.65 -23.75
CA MET B 56 -3.37 11.11 -24.40
C MET B 56 -3.73 9.80 -25.10
N GLU B 57 -2.96 9.45 -26.14
CA GLU B 57 -3.18 8.23 -26.91
C GLU B 57 -2.77 7.03 -26.05
N HIS B 58 -3.53 5.93 -26.18
CA HIS B 58 -3.38 4.78 -25.29
C HIS B 58 -4.18 3.61 -25.83
N THR B 59 -3.84 2.40 -25.39
CA THR B 59 -4.61 1.22 -25.72
C THR B 59 -6.05 1.42 -25.26
N ARG B 60 -7.01 1.15 -26.14
CA ARG B 60 -8.39 1.54 -25.92
C ARG B 60 -9.13 0.47 -25.10
N TRP B 61 -8.88 0.50 -23.79
CA TRP B 61 -9.62 -0.32 -22.85
C TRP B 61 -11.12 -0.03 -22.99
N GLU B 62 -11.45 1.22 -23.32
CA GLU B 62 -12.83 1.62 -23.51
C GLU B 62 -13.46 0.78 -24.62
N ASP B 63 -12.64 0.36 -25.58
CA ASP B 63 -13.14 -0.40 -26.72
C ASP B 63 -12.98 -1.89 -26.42
N GLY B 64 -12.82 -2.21 -25.13
CA GLY B 64 -12.66 -3.59 -24.67
C GLY B 64 -11.51 -4.29 -25.39
N ARG B 65 -10.32 -3.69 -25.37
CA ARG B 65 -9.18 -4.30 -26.07
C ARG B 65 -8.03 -4.57 -25.11
N VAL B 66 -8.28 -4.51 -23.80
CA VAL B 66 -7.22 -4.74 -22.83
C VAL B 66 -7.63 -5.87 -21.89
N SER B 67 -6.74 -6.85 -21.74
CA SER B 67 -7.03 -8.01 -20.91
C SER B 67 -6.89 -7.65 -19.44
N GLY B 68 -7.98 -7.89 -18.67
CA GLY B 68 -7.95 -7.80 -17.22
C GLY B 68 -7.20 -6.59 -16.66
N ALA B 69 -7.48 -5.40 -17.21
CA ALA B 69 -6.95 -4.16 -16.65
C ALA B 69 -8.08 -3.32 -16.06
N VAL B 70 -9.17 -3.21 -16.82
CA VAL B 70 -10.36 -2.50 -16.38
C VAL B 70 -11.52 -3.50 -16.36
N TYR B 71 -12.10 -3.72 -15.18
CA TYR B 71 -13.03 -4.83 -15.00
C TYR B 71 -14.47 -4.38 -15.28
N HIS B 72 -14.81 -3.16 -14.83
CA HIS B 72 -16.15 -2.62 -15.07
C HIS B 72 -16.05 -1.41 -16.01
N GLY B 73 -15.57 -0.28 -15.49
CA GLY B 73 -15.36 0.91 -16.30
C GLY B 73 -16.64 1.72 -16.53
N GLY B 74 -17.70 1.41 -15.78
CA GLY B 74 -19.02 1.99 -16.00
C GLY B 74 -19.18 3.37 -15.37
N GLN B 75 -19.51 4.35 -16.21
CA GLN B 75 -19.54 5.74 -15.82
C GLN B 75 -20.35 5.90 -14.53
N ASP B 76 -21.56 5.32 -14.50
CA ASP B 76 -22.43 5.43 -13.35
C ASP B 76 -21.66 5.07 -12.08
N LEU B 77 -20.96 3.92 -12.12
CA LEU B 77 -20.27 3.43 -10.93
C LEU B 77 -19.13 4.38 -10.59
N LEU B 78 -18.33 4.69 -11.61
CA LEU B 78 -17.20 5.59 -11.45
C LEU B 78 -17.63 6.87 -10.75
N LYS B 79 -18.77 7.44 -11.17
CA LYS B 79 -19.28 8.67 -10.58
C LYS B 79 -19.49 8.44 -9.08
N LEU B 80 -20.14 7.32 -8.74
CA LEU B 80 -20.48 7.01 -7.36
C LEU B 80 -19.19 6.92 -6.55
N GLN B 81 -18.25 6.12 -7.05
CA GLN B 81 -16.94 5.97 -6.42
C GLN B 81 -16.34 7.37 -6.19
N THR B 82 -16.43 8.20 -7.22
CA THR B 82 -15.90 9.56 -7.18
C THR B 82 -16.54 10.34 -6.04
N GLU B 83 -17.87 10.26 -5.92
CA GLU B 83 -18.57 10.98 -4.88
C GLU B 83 -18.08 10.49 -3.52
N ALA B 84 -18.03 9.15 -3.35
CA ALA B 84 -17.53 8.58 -2.11
C ALA B 84 -16.16 9.18 -1.78
N PHE B 85 -15.27 9.16 -2.78
CA PHE B 85 -13.94 9.73 -2.61
C PHE B 85 -14.05 11.18 -2.15
N GLY B 86 -14.95 11.92 -2.79
CA GLY B 86 -15.19 13.32 -2.46
C GLY B 86 -15.60 13.48 -1.00
N GLN B 87 -16.42 12.56 -0.49
CA GLN B 87 -16.90 12.66 0.87
C GLN B 87 -15.86 12.18 1.88
N PHE B 88 -14.98 11.25 1.50
CA PHE B 88 -14.07 10.65 2.46
C PHE B 88 -12.61 10.90 2.08
N GLY B 89 -12.38 11.99 1.36
CA GLY B 89 -11.07 12.34 0.83
C GLY B 89 -10.02 12.43 1.94
N VAL B 90 -10.40 12.95 3.10
CA VAL B 90 -9.43 13.20 4.16
C VAL B 90 -9.43 12.05 5.16
N ALA B 91 -10.20 10.99 4.90
CA ALA B 91 -10.41 9.99 5.93
C ALA B 91 -9.22 9.02 6.01
N ASN B 92 -8.80 8.73 7.26
CA ASN B 92 -7.70 7.84 7.53
C ASN B 92 -8.10 6.88 8.64
N PRO B 93 -8.33 5.58 8.34
CA PRO B 93 -8.92 4.65 9.30
C PRO B 93 -8.15 4.52 10.62
N ILE B 94 -6.82 4.71 10.55
CA ILE B 94 -5.96 4.65 11.72
C ILE B 94 -6.50 5.60 12.80
N HIS B 95 -7.37 6.53 12.40
CA HIS B 95 -8.06 7.38 13.37
C HIS B 95 -9.56 7.05 13.34
N PRO B 96 -9.98 5.87 13.86
CA PRO B 96 -11.40 5.50 13.84
C PRO B 96 -12.28 6.49 14.61
N ASP B 97 -11.73 7.04 15.70
CA ASP B 97 -12.42 8.02 16.52
C ASP B 97 -12.61 9.33 15.74
N VAL B 98 -11.82 9.52 14.68
CA VAL B 98 -11.93 10.73 13.88
C VAL B 98 -12.77 10.42 12.63
N PHE B 99 -12.73 9.17 12.15
CA PHE B 99 -13.36 8.82 10.89
C PHE B 99 -14.21 7.56 11.03
N PRO B 100 -15.07 7.49 12.07
CA PRO B 100 -15.82 6.26 12.40
C PRO B 100 -16.45 5.61 11.18
N GLY B 101 -17.14 6.44 10.38
CA GLY B 101 -17.81 5.95 9.17
C GLY B 101 -16.91 5.01 8.39
N VAL B 102 -15.68 5.48 8.10
CA VAL B 102 -14.76 4.68 7.31
C VAL B 102 -14.56 3.35 8.04
N ARG B 103 -14.26 3.46 9.34
CA ARG B 103 -13.98 2.30 10.18
C ARG B 103 -15.11 1.29 10.01
N LYS B 104 -16.35 1.76 10.07
CA LYS B 104 -17.51 0.90 9.87
C LYS B 104 -17.44 0.27 8.48
N MET B 105 -17.45 1.14 7.47
CA MET B 105 -17.52 0.69 6.09
C MET B 105 -16.51 -0.43 5.85
N GLU B 106 -15.28 -0.24 6.37
CA GLU B 106 -14.23 -1.23 6.24
C GLU B 106 -14.72 -2.56 6.82
N ALA B 107 -15.07 -2.53 8.11
CA ALA B 107 -15.51 -3.73 8.81
C ALA B 107 -16.57 -4.44 7.97
N GLU B 108 -17.54 -3.65 7.50
CA GLU B 108 -18.62 -4.20 6.71
C GLU B 108 -18.09 -4.88 5.45
N VAL B 109 -17.27 -4.17 4.68
CA VAL B 109 -16.66 -4.79 3.50
C VAL B 109 -16.17 -6.18 3.89
N VAL B 110 -15.23 -6.22 4.84
CA VAL B 110 -14.60 -7.46 5.26
C VAL B 110 -15.70 -8.49 5.50
N ALA B 111 -16.68 -8.14 6.34
CA ALA B 111 -17.78 -9.05 6.65
C ALA B 111 -18.37 -9.61 5.35
N MET B 112 -18.74 -8.70 4.44
CA MET B 112 -19.47 -9.09 3.25
C MET B 112 -18.67 -10.13 2.49
N VAL B 113 -17.36 -9.93 2.41
CA VAL B 113 -16.50 -10.85 1.69
C VAL B 113 -16.42 -12.17 2.45
N LEU B 114 -16.16 -12.09 3.77
CA LEU B 114 -16.10 -13.28 4.62
C LEU B 114 -17.28 -14.19 4.32
N ALA B 115 -18.46 -13.57 4.18
CA ALA B 115 -19.68 -14.30 3.87
C ALA B 115 -19.56 -14.97 2.51
N LEU B 116 -19.18 -14.18 1.50
CA LEU B 116 -19.07 -14.68 0.14
C LEU B 116 -18.32 -16.01 0.10
N PHE B 117 -17.29 -16.18 0.94
CA PHE B 117 -16.45 -17.37 0.82
C PHE B 117 -16.76 -18.39 1.93
N ASN B 118 -17.97 -18.28 2.48
CA ASN B 118 -18.50 -19.23 3.44
C ASN B 118 -17.54 -19.34 4.62
N ALA B 119 -17.14 -18.19 5.17
CA ALA B 119 -16.22 -18.19 6.31
C ALA B 119 -16.93 -18.76 7.53
N PRO B 120 -16.17 -19.32 8.51
CA PRO B 120 -16.76 -19.73 9.79
C PRO B 120 -17.09 -18.51 10.64
N SER B 121 -17.81 -18.74 11.74
CA SER B 121 -18.29 -17.68 12.60
C SER B 121 -17.12 -16.87 13.19
N ASP B 122 -15.99 -17.55 13.44
CA ASP B 122 -14.81 -16.90 14.00
C ASP B 122 -13.91 -16.39 12.88
N GLY B 123 -14.44 -16.39 11.66
CA GLY B 123 -13.73 -15.89 10.50
C GLY B 123 -13.38 -14.41 10.67
N ALA B 124 -12.14 -14.06 10.34
CA ALA B 124 -11.69 -12.68 10.48
C ALA B 124 -11.06 -12.24 9.17
N GLY B 125 -10.90 -10.93 8.97
CA GLY B 125 -10.33 -10.46 7.72
C GLY B 125 -9.85 -9.02 7.81
N VAL B 126 -8.93 -8.68 6.90
CA VAL B 126 -8.47 -7.30 6.80
C VAL B 126 -8.60 -6.85 5.35
N THR B 127 -8.63 -5.53 5.18
CA THR B 127 -8.50 -4.89 3.88
C THR B 127 -7.02 -4.60 3.64
N THR B 128 -6.58 -4.84 2.41
CA THR B 128 -5.23 -4.52 1.97
C THR B 128 -5.34 -3.67 0.70
N SER B 129 -4.24 -3.01 0.33
CA SER B 129 -4.23 -2.19 -0.86
C SER B 129 -4.46 -3.06 -2.09
N GLY B 130 -3.92 -4.29 -2.07
CA GLY B 130 -4.03 -5.18 -3.22
C GLY B 130 -3.56 -6.61 -2.93
N GLY B 131 -3.80 -7.48 -3.92
CA GLY B 131 -3.51 -8.91 -3.82
C GLY B 131 -2.06 -9.18 -3.44
N THR B 132 -1.15 -8.39 -3.99
CA THR B 132 0.25 -8.48 -3.60
C THR B 132 0.32 -8.40 -2.07
N GLU B 133 -0.24 -7.32 -1.52
CA GLU B 133 -0.18 -7.08 -0.08
C GLU B 133 -0.88 -8.24 0.64
N SER B 134 -2.08 -8.59 0.19
CA SER B 134 -2.77 -9.73 0.78
C SER B 134 -1.80 -10.91 0.93
N ILE B 135 -1.28 -11.36 -0.22
CA ILE B 135 -0.40 -12.52 -0.26
C ILE B 135 0.75 -12.33 0.73
N LEU B 136 1.42 -11.16 0.66
CA LEU B 136 2.52 -10.87 1.57
C LEU B 136 2.08 -11.10 3.01
N MET B 137 0.92 -10.54 3.38
CA MET B 137 0.45 -10.59 4.76
C MET B 137 0.11 -12.02 5.15
N ALA B 138 -0.51 -12.78 4.23
CA ALA B 138 -0.76 -14.19 4.48
C ALA B 138 0.55 -14.90 4.81
N CYS B 139 1.55 -14.73 3.93
CA CYS B 139 2.84 -15.37 4.11
C CYS B 139 3.44 -14.98 5.47
N LEU B 140 3.46 -13.67 5.76
CA LEU B 140 3.98 -13.19 7.03
C LEU B 140 3.26 -13.88 8.18
N ALA B 141 1.91 -13.89 8.11
CA ALA B 141 1.07 -14.53 9.10
C ALA B 141 1.54 -15.97 9.34
N ALA B 142 1.61 -16.77 8.27
CA ALA B 142 2.04 -18.15 8.39
C ALA B 142 3.41 -18.23 9.10
N ARG B 143 4.37 -17.45 8.58
CA ARG B 143 5.71 -17.41 9.16
C ARG B 143 5.61 -17.19 10.67
N GLN B 144 5.00 -16.07 11.07
CA GLN B 144 4.93 -15.69 12.47
C GLN B 144 4.25 -16.81 13.25
N LYS B 145 3.22 -17.42 12.67
CA LYS B 145 2.52 -18.53 13.30
C LYS B 145 3.54 -19.62 13.60
N ALA B 146 4.22 -20.11 12.56
CA ALA B 146 5.12 -21.25 12.70
C ALA B 146 6.26 -20.91 13.67
N PHE B 147 6.70 -19.65 13.66
CA PHE B 147 7.70 -19.23 14.62
C PHE B 147 7.15 -19.33 16.04
N THR B 148 6.04 -18.64 16.30
CA THR B 148 5.50 -18.54 17.64
C THR B 148 5.14 -19.92 18.18
N GLU B 149 4.46 -20.72 17.36
CA GLU B 149 3.93 -22.00 17.82
C GLU B 149 5.00 -23.08 17.73
N ARG B 150 5.61 -23.27 16.55
CA ARG B 150 6.47 -24.43 16.36
C ARG B 150 7.94 -24.01 16.36
N GLY B 151 8.21 -22.78 16.81
CA GLY B 151 9.57 -22.27 16.91
C GLY B 151 10.36 -22.43 15.61
N VAL B 152 9.68 -22.41 14.45
CA VAL B 152 10.38 -22.60 13.20
C VAL B 152 11.24 -21.37 12.93
N LYS B 153 12.48 -21.61 12.46
CA LYS B 153 13.44 -20.54 12.27
C LYS B 153 13.86 -20.45 10.80
N GLU B 154 13.76 -21.57 10.08
CA GLU B 154 14.08 -21.61 8.66
C GLU B 154 12.80 -21.92 7.88
N PRO B 155 11.86 -20.96 7.77
CA PRO B 155 10.54 -21.24 7.19
C PRO B 155 10.58 -21.60 5.71
N GLU B 156 9.65 -22.46 5.31
CA GLU B 156 9.52 -22.86 3.92
C GLU B 156 8.05 -22.78 3.50
N ILE B 157 7.80 -22.42 2.23
CA ILE B 157 6.44 -22.42 1.68
C ILE B 157 6.45 -23.23 0.38
N ILE B 158 5.34 -23.95 0.15
CA ILE B 158 5.21 -24.73 -1.06
C ILE B 158 4.10 -24.14 -1.92
N ILE B 159 4.47 -23.78 -3.14
CA ILE B 159 3.61 -23.09 -4.08
C ILE B 159 3.61 -23.84 -5.41
N PRO B 160 2.52 -23.77 -6.19
CA PRO B 160 2.52 -24.19 -7.59
C PRO B 160 3.35 -23.26 -8.49
N ASP B 161 3.94 -23.84 -9.54
CA ASP B 161 4.73 -23.07 -10.50
C ASP B 161 3.90 -21.88 -10.99
N THR B 162 2.60 -22.11 -11.16
CA THR B 162 1.71 -21.15 -11.76
C THR B 162 1.29 -20.08 -10.76
N ALA B 163 1.84 -20.16 -9.53
CA ALA B 163 1.44 -19.24 -8.47
C ALA B 163 1.98 -17.84 -8.76
N HIS B 164 1.37 -16.84 -8.11
CA HIS B 164 1.62 -15.44 -8.41
C HIS B 164 2.94 -14.97 -7.79
N ALA B 165 3.71 -14.21 -8.58
CA ALA B 165 5.08 -13.84 -8.27
C ALA B 165 5.18 -13.22 -6.88
N ALA B 166 4.07 -12.64 -6.41
CA ALA B 166 4.02 -12.00 -5.11
C ALA B 166 4.49 -12.96 -4.02
N PHE B 167 4.39 -14.26 -4.28
CA PHE B 167 4.86 -15.26 -3.32
C PHE B 167 6.38 -15.21 -3.24
N TYR B 168 7.03 -15.22 -4.40
CA TYR B 168 8.46 -14.99 -4.47
C TYR B 168 8.82 -13.72 -3.72
N LYS B 169 8.08 -12.65 -4.02
CA LYS B 169 8.33 -11.38 -3.37
C LYS B 169 8.28 -11.56 -1.86
N ALA B 170 7.26 -12.29 -1.40
CA ALA B 170 7.07 -12.57 0.02
C ALA B 170 8.30 -13.29 0.57
N CYS B 171 8.74 -14.35 -0.13
CA CYS B 171 9.85 -15.16 0.36
C CYS B 171 11.14 -14.35 0.40
N ASN B 172 11.36 -13.57 -0.65
CA ASN B 172 12.51 -12.66 -0.76
C ASN B 172 12.47 -11.68 0.41
N TYR B 173 11.30 -11.10 0.67
CA TYR B 173 11.15 -10.08 1.70
C TYR B 173 11.39 -10.68 3.09
N PHE B 174 10.65 -11.75 3.40
CA PHE B 174 10.57 -12.26 4.76
C PHE B 174 11.57 -13.39 4.99
N GLY B 175 12.42 -13.64 3.99
CA GLY B 175 13.52 -14.58 4.12
C GLY B 175 13.03 -16.01 4.32
N MET B 176 12.13 -16.45 3.42
CA MET B 176 11.57 -17.79 3.52
C MET B 176 12.07 -18.62 2.35
N LYS B 177 12.09 -19.95 2.52
CA LYS B 177 12.49 -20.83 1.43
C LYS B 177 11.26 -21.18 0.60
N LEU B 178 11.38 -21.08 -0.72
CA LEU B 178 10.25 -21.29 -1.61
C LEU B 178 10.41 -22.62 -2.34
N HIS B 179 9.30 -23.36 -2.45
CA HIS B 179 9.27 -24.60 -3.19
C HIS B 179 8.25 -24.51 -4.32
N ARG B 180 8.71 -24.63 -5.57
CA ARG B 180 7.83 -24.57 -6.72
C ARG B 180 7.49 -25.98 -7.17
N VAL B 181 6.20 -26.32 -7.17
CA VAL B 181 5.77 -27.63 -7.63
C VAL B 181 5.24 -27.51 -9.06
N PRO B 182 5.60 -28.45 -9.96
CA PRO B 182 5.09 -28.43 -11.33
C PRO B 182 3.57 -28.61 -11.44
N CYS B 183 3.02 -27.96 -12.47
CA CYS B 183 1.63 -28.11 -12.85
C CYS B 183 1.59 -28.68 -14.27
N PRO B 184 1.77 -30.01 -14.42
CA PRO B 184 1.93 -30.62 -15.75
C PRO B 184 0.68 -30.75 -16.60
N ALA B 185 0.88 -30.64 -17.92
CA ALA B 185 -0.16 -30.87 -18.89
C ALA B 185 -0.70 -32.30 -18.73
N PRO B 186 -1.94 -32.58 -19.20
CA PRO B 186 -2.79 -31.55 -19.80
C PRO B 186 -3.56 -30.76 -18.74
N GLU B 187 -3.32 -31.09 -17.46
CA GLU B 187 -4.19 -30.59 -16.41
C GLU B 187 -3.76 -29.18 -16.02
N TYR B 188 -2.43 -28.97 -16.00
CA TYR B 188 -1.84 -27.71 -15.58
C TYR B 188 -2.29 -27.39 -14.15
N LYS B 189 -2.49 -28.45 -13.36
CA LYS B 189 -2.75 -28.33 -11.94
C LYS B 189 -1.52 -28.83 -11.16
N VAL B 190 -1.40 -28.37 -9.92
CA VAL B 190 -0.24 -28.67 -9.08
C VAL B 190 -0.16 -30.19 -8.88
N ASP B 191 1.07 -30.70 -8.72
CA ASP B 191 1.29 -32.12 -8.49
C ASP B 191 1.24 -32.46 -7.00
N ILE B 192 0.07 -32.96 -6.56
CA ILE B 192 -0.22 -33.20 -5.15
C ILE B 192 0.85 -34.10 -4.53
N ALA B 193 1.20 -35.19 -5.22
CA ALA B 193 2.24 -36.09 -4.77
C ALA B 193 3.51 -35.28 -4.50
N ALA B 194 3.88 -34.46 -5.48
CA ALA B 194 5.09 -33.66 -5.41
C ALA B 194 4.99 -32.72 -4.21
N VAL B 195 3.80 -32.18 -3.96
CA VAL B 195 3.57 -31.36 -2.78
C VAL B 195 3.88 -32.19 -1.54
N ARG B 196 3.15 -33.29 -1.38
CA ARG B 196 3.33 -34.16 -0.24
C ARG B 196 4.83 -34.35 0.00
N ARG B 197 5.55 -34.83 -1.02
CA ARG B 197 6.95 -35.19 -0.86
C ARG B 197 7.77 -34.05 -0.24
N LEU B 198 7.40 -32.80 -0.53
CA LEU B 198 8.22 -31.66 -0.13
C LEU B 198 7.86 -31.23 1.30
N ILE B 199 6.73 -31.71 1.83
CA ILE B 199 6.33 -31.34 3.17
C ILE B 199 7.40 -31.82 4.15
N ASN B 200 7.83 -30.91 5.03
CA ASN B 200 8.79 -31.24 6.07
C ASN B 200 8.49 -30.34 7.27
N PRO B 201 9.09 -30.60 8.45
CA PRO B 201 8.81 -29.81 9.65
C PRO B 201 8.94 -28.29 9.51
N ASN B 202 9.69 -27.83 8.50
CA ASN B 202 9.92 -26.41 8.29
C ASN B 202 8.91 -25.82 7.30
N THR B 203 7.97 -26.65 6.85
CA THR B 203 6.90 -26.21 5.97
C THR B 203 5.89 -25.41 6.79
N VAL B 204 5.64 -24.16 6.38
CA VAL B 204 4.81 -23.27 7.17
C VAL B 204 3.57 -22.83 6.39
N LEU B 205 3.53 -23.08 5.08
CA LEU B 205 2.38 -22.68 4.28
C LEU B 205 2.28 -23.50 2.99
N LEU B 206 1.08 -24.04 2.75
CA LEU B 206 0.73 -24.59 1.46
C LEU B 206 -0.08 -23.55 0.70
N VAL B 207 0.14 -23.44 -0.62
CA VAL B 207 -0.58 -22.48 -1.43
C VAL B 207 -1.39 -23.18 -2.51
N GLY B 208 -2.56 -22.62 -2.84
CA GLY B 208 -3.34 -23.05 -3.99
C GLY B 208 -3.99 -21.87 -4.70
N SER B 209 -4.28 -22.04 -6.01
CA SER B 209 -4.78 -20.95 -6.84
C SER B 209 -6.22 -21.22 -7.27
N ALA B 210 -7.03 -20.15 -7.24
CA ALA B 210 -8.45 -20.25 -7.59
C ALA B 210 -8.93 -18.96 -8.26
N PRO B 211 -8.76 -18.79 -9.60
CA PRO B 211 -7.84 -19.60 -10.39
C PRO B 211 -6.46 -18.93 -10.43
N ASN B 212 -5.52 -19.54 -11.16
CA ASN B 212 -4.19 -18.98 -11.29
C ASN B 212 -4.17 -17.99 -12.45
N PHE B 213 -3.31 -16.98 -12.32
CA PHE B 213 -3.24 -15.88 -13.27
C PHE B 213 -2.95 -16.40 -14.67
N PRO B 214 -1.87 -17.18 -14.88
CA PRO B 214 -1.47 -17.55 -16.24
C PRO B 214 -2.56 -18.27 -17.01
N HIS B 215 -3.05 -19.39 -16.48
CA HIS B 215 -3.88 -20.30 -17.27
C HIS B 215 -5.35 -20.26 -16.84
N GLY B 216 -5.65 -19.59 -15.72
CA GLY B 216 -7.01 -19.55 -15.23
C GLY B 216 -7.50 -20.94 -14.81
N ILE B 217 -6.59 -21.69 -14.19
CA ILE B 217 -6.90 -23.03 -13.69
C ILE B 217 -7.03 -22.95 -12.17
N VAL B 218 -7.97 -23.74 -11.63
CA VAL B 218 -8.17 -23.84 -10.19
C VAL B 218 -7.46 -25.09 -9.71
N ASP B 219 -6.54 -24.94 -8.75
CA ASP B 219 -5.76 -26.09 -8.27
C ASP B 219 -6.66 -27.03 -7.48
N ASP B 220 -6.12 -28.18 -7.07
CA ASP B 220 -6.90 -29.23 -6.42
C ASP B 220 -7.04 -28.92 -4.93
N ILE B 221 -7.82 -27.87 -4.65
CA ILE B 221 -7.91 -27.27 -3.34
C ILE B 221 -8.36 -28.32 -2.32
N PRO B 222 -9.33 -29.21 -2.63
CA PRO B 222 -9.65 -30.32 -1.74
C PRO B 222 -8.41 -31.13 -1.32
N ALA B 223 -7.62 -31.54 -2.31
CA ALA B 223 -6.46 -32.38 -2.05
C ALA B 223 -5.49 -31.63 -1.14
N LEU B 224 -5.21 -30.39 -1.52
CA LEU B 224 -4.35 -29.54 -0.71
C LEU B 224 -4.89 -29.42 0.71
N SER B 225 -6.22 -29.34 0.82
CA SER B 225 -6.89 -29.24 2.12
C SER B 225 -6.62 -30.50 2.93
N ARG B 226 -6.78 -31.66 2.29
CA ARG B 226 -6.49 -32.93 2.97
C ARG B 226 -5.06 -32.91 3.52
N LEU B 227 -4.09 -32.63 2.65
CA LEU B 227 -2.71 -32.58 3.07
C LEU B 227 -2.57 -31.61 4.25
N ALA B 228 -3.18 -30.42 4.11
CA ALA B 228 -3.07 -29.35 5.09
C ALA B 228 -3.57 -29.81 6.45
N THR B 229 -4.75 -30.42 6.47
CA THR B 229 -5.33 -30.96 7.69
C THR B 229 -4.43 -32.05 8.24
N LYS B 230 -4.03 -32.98 7.37
CA LYS B 230 -3.22 -34.12 7.77
C LYS B 230 -1.96 -33.65 8.49
N TYR B 231 -1.16 -32.81 7.81
CA TYR B 231 0.13 -32.41 8.32
C TYR B 231 0.01 -31.21 9.26
N LYS B 232 -1.21 -30.70 9.41
CA LYS B 232 -1.48 -29.55 10.27
C LYS B 232 -0.67 -28.35 9.79
N ILE B 233 -0.80 -28.04 8.50
CA ILE B 233 -0.12 -26.90 7.90
C ILE B 233 -1.18 -25.97 7.32
N PRO B 234 -1.05 -24.63 7.51
CA PRO B 234 -1.95 -23.68 6.89
C PRO B 234 -2.02 -23.78 5.36
N LEU B 235 -3.26 -23.83 4.85
CA LEU B 235 -3.48 -23.68 3.43
C LEU B 235 -3.96 -22.26 3.12
N HIS B 236 -3.28 -21.64 2.15
CA HIS B 236 -3.71 -20.37 1.61
C HIS B 236 -4.24 -20.56 0.19
N VAL B 237 -5.39 -19.95 -0.06
CA VAL B 237 -5.96 -19.90 -1.39
C VAL B 237 -5.81 -18.48 -1.92
N ASP B 238 -5.03 -18.38 -3.00
CA ASP B 238 -4.98 -17.19 -3.83
C ASP B 238 -6.25 -17.17 -4.67
N CYS B 239 -7.15 -16.25 -4.31
CA CYS B 239 -8.40 -16.09 -5.03
C CYS B 239 -8.45 -14.70 -5.63
N CYS B 240 -7.33 -13.98 -5.51
CA CYS B 240 -7.24 -12.60 -5.96
C CYS B 240 -8.04 -12.43 -7.23
N LEU B 241 -7.81 -13.33 -8.20
CA LEU B 241 -8.26 -13.18 -9.58
C LEU B 241 -9.63 -13.85 -9.80
N GLY B 242 -10.02 -14.77 -8.90
CA GLY B 242 -11.36 -15.33 -8.95
C GLY B 242 -12.39 -14.35 -8.35
N SER B 243 -11.88 -13.56 -7.41
CA SER B 243 -12.60 -12.44 -6.83
C SER B 243 -14.07 -12.83 -6.63
N PHE B 244 -14.99 -11.98 -7.08
CA PHE B 244 -16.41 -12.21 -6.88
C PHE B 244 -16.90 -13.24 -7.90
N VAL B 245 -16.26 -13.26 -9.08
CA VAL B 245 -16.82 -13.95 -10.22
C VAL B 245 -16.87 -15.45 -9.92
N ILE B 246 -15.77 -15.96 -9.33
CA ILE B 246 -15.70 -17.36 -8.98
C ILE B 246 -16.74 -17.67 -7.90
N ALA B 247 -17.03 -16.68 -7.05
CA ALA B 247 -17.96 -16.89 -5.95
C ALA B 247 -19.38 -17.04 -6.49
N PHE B 248 -19.72 -16.29 -7.56
CA PHE B 248 -21.08 -16.29 -8.05
C PHE B 248 -21.29 -17.27 -9.21
N LEU B 249 -20.25 -18.04 -9.56
CA LEU B 249 -20.30 -18.91 -10.72
C LEU B 249 -21.54 -19.83 -10.71
N LYS B 250 -21.73 -20.57 -9.63
CA LYS B 250 -22.83 -21.51 -9.53
C LYS B 250 -24.17 -20.75 -9.56
N LYS B 251 -24.24 -19.62 -8.86
CA LYS B 251 -25.47 -18.83 -8.85
C LYS B 251 -25.81 -18.44 -10.27
N ALA B 252 -24.78 -18.13 -11.07
CA ALA B 252 -24.98 -17.72 -12.45
C ALA B 252 -25.39 -18.92 -13.30
N GLY B 253 -25.20 -20.13 -12.78
CA GLY B 253 -25.54 -21.34 -13.49
C GLY B 253 -24.30 -22.10 -13.98
N PHE B 254 -23.16 -21.40 -14.02
CA PHE B 254 -21.93 -22.00 -14.47
C PHE B 254 -21.40 -22.93 -13.38
N PRO B 255 -20.74 -24.07 -13.75
CA PRO B 255 -20.25 -25.03 -12.78
C PRO B 255 -19.27 -24.43 -11.77
N SER B 256 -19.36 -24.84 -10.51
CA SER B 256 -18.50 -24.31 -9.47
C SER B 256 -17.36 -25.30 -9.16
N PRO B 257 -16.08 -24.85 -9.20
CA PRO B 257 -14.96 -25.76 -9.02
C PRO B 257 -15.08 -26.60 -7.77
N TYR B 258 -15.15 -27.92 -7.96
CA TYR B 258 -15.10 -28.89 -6.88
C TYR B 258 -16.31 -28.73 -5.96
N GLU B 259 -17.43 -28.22 -6.48
CA GLU B 259 -18.63 -28.14 -5.66
C GLU B 259 -18.71 -29.42 -4.82
N GLU B 260 -18.72 -30.55 -5.51
CA GLU B 260 -19.09 -31.84 -4.92
C GLU B 260 -17.98 -32.37 -4.00
N GLU B 261 -16.89 -31.62 -3.87
CA GLU B 261 -15.85 -31.96 -2.92
C GLU B 261 -15.61 -30.79 -1.97
N GLY B 262 -16.66 -30.00 -1.74
CA GLY B 262 -16.65 -29.00 -0.69
C GLY B 262 -16.13 -27.64 -1.17
N GLY B 263 -16.03 -27.48 -2.48
CA GLY B 263 -15.66 -26.21 -3.09
C GLY B 263 -14.15 -25.95 -3.04
N PHE B 264 -13.80 -24.70 -2.73
CA PHE B 264 -12.42 -24.25 -2.79
C PHE B 264 -12.16 -23.21 -1.70
N ASP B 265 -13.13 -23.02 -0.80
CA ASP B 265 -13.07 -21.94 0.17
C ASP B 265 -13.19 -22.52 1.58
N PHE B 266 -13.70 -21.72 2.54
CA PHE B 266 -13.55 -22.06 3.94
C PHE B 266 -14.34 -23.30 4.30
N ARG B 267 -15.21 -23.75 3.39
CA ARG B 267 -15.90 -25.03 3.55
C ARG B 267 -14.89 -26.16 3.69
N LEU B 268 -13.72 -26.02 3.06
CA LEU B 268 -12.67 -27.02 3.16
C LEU B 268 -11.83 -26.76 4.42
N PRO B 269 -11.83 -27.71 5.39
CA PRO B 269 -11.27 -27.47 6.72
C PRO B 269 -9.78 -27.07 6.71
N GLY B 270 -9.06 -27.48 5.66
CA GLY B 270 -7.64 -27.18 5.54
C GLY B 270 -7.38 -25.73 5.11
N VAL B 271 -8.41 -25.08 4.55
CA VAL B 271 -8.27 -23.73 4.03
C VAL B 271 -8.26 -22.74 5.19
N THR B 272 -7.10 -22.13 5.43
CA THR B 272 -6.94 -21.26 6.59
C THR B 272 -6.99 -19.79 6.19
N SER B 273 -6.47 -19.47 4.99
CA SER B 273 -6.49 -18.09 4.53
C SER B 273 -6.87 -17.99 3.06
N ILE B 274 -7.59 -16.94 2.70
CA ILE B 274 -7.97 -16.69 1.31
C ILE B 274 -7.74 -15.22 0.97
N SER B 275 -7.15 -14.95 -0.20
CA SER B 275 -6.94 -13.58 -0.64
C SER B 275 -7.86 -13.26 -1.82
N VAL B 276 -8.54 -12.11 -1.74
CA VAL B 276 -9.56 -11.75 -2.72
C VAL B 276 -9.41 -10.28 -3.12
N ASP B 277 -9.45 -9.99 -4.43
CA ASP B 277 -9.24 -8.63 -4.91
C ASP B 277 -10.57 -7.95 -5.25
N THR B 278 -11.05 -7.09 -4.34
CA THR B 278 -12.34 -6.43 -4.52
C THR B 278 -12.25 -5.50 -5.72
N HIS B 279 -11.01 -5.07 -6.00
CA HIS B 279 -10.76 -4.25 -7.16
C HIS B 279 -10.73 -5.03 -8.48
N TYR B 281 -13.04 -8.12 -9.75
CA TYR B 281 -14.42 -8.40 -10.15
C TYR B 281 -15.42 -7.96 -9.09
N GLY B 282 -14.93 -7.43 -7.97
CA GLY B 282 -15.78 -6.69 -7.05
C GLY B 282 -16.08 -5.32 -7.61
N PHE B 283 -15.19 -4.88 -8.52
CA PHE B 283 -15.35 -3.64 -9.26
C PHE B 283 -15.10 -2.47 -8.32
N ALA B 284 -14.42 -2.74 -7.20
CA ALA B 284 -14.03 -1.67 -6.29
C ALA B 284 -12.92 -0.85 -6.95
N PRO B 285 -12.72 0.43 -6.56
CA PRO B 285 -11.57 1.18 -7.03
C PRO B 285 -10.27 0.41 -6.79
N LYS B 286 -9.26 0.69 -7.62
CA LYS B 286 -7.92 0.15 -7.43
C LYS B 286 -7.40 0.59 -6.06
N GLY B 287 -6.71 -0.34 -5.38
CA GLY B 287 -6.24 -0.12 -4.03
C GLY B 287 -7.16 -0.76 -3.00
N ASN B 288 -7.84 -1.84 -3.39
CA ASN B 288 -8.88 -2.44 -2.55
C ASN B 288 -8.91 -3.96 -2.72
N SER B 289 -8.29 -4.62 -1.74
CA SER B 289 -8.32 -6.08 -1.63
C SER B 289 -8.67 -6.47 -0.20
N VAL B 290 -8.97 -7.76 -0.03
CA VAL B 290 -9.33 -8.31 1.27
C VAL B 290 -8.62 -9.65 1.48
N LEU B 291 -8.03 -9.76 2.68
CA LEU B 291 -7.44 -11.01 3.13
C LEU B 291 -8.32 -11.59 4.24
N LEU B 292 -8.63 -12.88 4.09
CA LEU B 292 -9.53 -13.61 4.96
C LEU B 292 -8.78 -14.73 5.67
N TYR B 293 -9.07 -14.85 6.98
CA TYR B 293 -8.51 -15.85 7.87
C TYR B 293 -9.64 -16.61 8.55
N ARG B 294 -9.44 -17.93 8.68
CA ARG B 294 -10.43 -18.83 9.27
C ARG B 294 -10.79 -18.39 10.69
N ASN B 295 -9.85 -17.72 11.39
CA ASN B 295 -10.11 -17.29 12.75
C ASN B 295 -9.25 -16.08 13.11
N LYS B 296 -9.81 -15.20 13.94
CA LYS B 296 -9.09 -14.03 14.45
C LYS B 296 -7.68 -14.42 14.90
N THR B 297 -7.61 -15.48 15.71
CA THR B 297 -6.35 -15.99 16.24
C THR B 297 -5.29 -15.96 15.16
N TYR B 298 -5.66 -16.43 13.98
CA TYR B 298 -4.77 -16.50 12.86
C TYR B 298 -4.37 -15.09 12.44
N ARG B 299 -5.41 -14.31 12.11
CA ARG B 299 -5.24 -12.97 11.61
C ARG B 299 -4.19 -12.26 12.45
N SER B 300 -4.35 -12.37 13.78
CA SER B 300 -3.50 -11.66 14.71
C SER B 300 -2.02 -11.72 14.29
N TYR B 301 -1.55 -12.89 13.79
CA TYR B 301 -0.13 -13.07 13.53
C TYR B 301 0.41 -11.98 12.62
N GLN B 302 -0.45 -11.39 11.77
CA GLN B 302 0.03 -10.46 10.77
C GLN B 302 0.14 -9.05 11.34
N TYR B 303 -0.36 -8.84 12.57
CA TYR B 303 -0.38 -7.51 13.16
C TYR B 303 1.03 -7.10 13.57
N PHE B 304 1.31 -5.80 13.47
CA PHE B 304 2.55 -5.25 14.00
C PHE B 304 2.22 -4.39 15.21
N ILE B 305 2.77 -4.76 16.37
CA ILE B 305 2.63 -3.98 17.59
C ILE B 305 4.02 -3.66 18.13
N TYR B 306 4.28 -2.36 18.32
CA TYR B 306 5.50 -1.90 18.98
C TYR B 306 5.09 -1.00 20.13
N PRO B 307 5.11 -1.50 21.38
CA PRO B 307 4.61 -0.76 22.53
C PRO B 307 5.59 0.25 23.17
N ASP B 308 6.89 0.08 22.92
CA ASP B 308 7.92 0.79 23.67
C ASP B 308 8.24 2.13 23.02
N TRP B 309 7.55 2.46 21.92
CA TRP B 309 7.93 3.61 21.11
C TRP B 309 7.66 4.91 21.87
N SER B 310 8.62 5.84 21.78
CA SER B 310 8.55 7.11 22.48
C SER B 310 7.34 7.92 22.04
N GLY B 311 6.83 7.64 20.83
CA GLY B 311 5.66 8.32 20.31
C GLY B 311 4.36 7.71 20.83
N GLY B 312 4.46 6.59 21.54
CA GLY B 312 3.29 5.87 22.02
C GLY B 312 3.16 4.51 21.34
N VAL B 313 2.30 3.65 21.91
CA VAL B 313 2.19 2.28 21.44
C VAL B 313 1.74 2.30 19.98
N TYR B 314 2.60 1.77 19.09
CA TYR B 314 2.26 1.66 17.70
C TYR B 314 1.61 0.31 17.45
N ALA B 315 0.54 0.31 16.65
CA ALA B 315 -0.13 -0.91 16.27
C ALA B 315 -0.72 -0.73 14.88
N SER B 316 -0.39 -1.65 13.97
CA SER B 316 -0.93 -1.63 12.63
C SER B 316 -1.34 -3.05 12.24
N PRO B 317 -2.50 -3.19 11.56
CA PRO B 317 -3.03 -4.49 11.15
C PRO B 317 -2.40 -5.08 9.90
N SER B 318 -1.83 -4.21 9.06
CA SER B 318 -1.21 -4.64 7.82
C SER B 318 0.11 -3.90 7.62
N VAL B 319 0.57 -3.82 6.37
CA VAL B 319 1.83 -3.16 6.05
C VAL B 319 1.71 -1.68 6.36
N ALA B 320 0.69 -1.04 5.78
CA ALA B 320 0.55 0.41 5.83
C ALA B 320 0.14 0.84 7.23
N GLY B 321 0.74 1.95 7.70
CA GLY B 321 0.23 2.68 8.84
C GLY B 321 -0.97 3.53 8.44
N SER B 322 -0.70 4.60 7.67
CA SER B 322 -1.75 5.42 7.10
C SER B 322 -2.35 4.74 5.89
N ARG B 323 -3.66 4.92 5.68
CA ARG B 323 -4.35 4.34 4.55
C ARG B 323 -5.41 5.31 4.03
N PRO B 324 -5.97 5.07 2.82
CA PRO B 324 -7.00 5.94 2.24
C PRO B 324 -8.47 5.57 2.45
N GLY B 325 -9.07 6.23 3.44
CA GLY B 325 -10.48 6.00 3.74
C GLY B 325 -11.36 6.25 2.52
N ALA B 326 -10.96 7.23 1.69
CA ALA B 326 -11.69 7.50 0.46
C ALA B 326 -11.85 6.21 -0.33
N LEU B 327 -10.71 5.55 -0.61
CA LEU B 327 -10.74 4.30 -1.37
C LEU B 327 -11.60 3.27 -0.63
N ILE B 328 -11.45 3.18 0.70
CA ILE B 328 -12.23 2.19 1.43
C ILE B 328 -13.71 2.41 1.14
N ALA B 329 -14.17 3.66 1.30
CA ALA B 329 -15.58 4.00 1.11
C ALA B 329 -16.02 3.68 -0.31
N GLY B 330 -15.16 4.02 -1.28
CA GLY B 330 -15.44 3.70 -2.67
C GLY B 330 -15.73 2.20 -2.83
N CYS B 331 -14.79 1.38 -2.35
CA CYS B 331 -14.98 -0.07 -2.41
C CYS B 331 -16.33 -0.43 -1.80
N TRP B 332 -16.60 0.10 -0.60
CA TRP B 332 -17.84 -0.22 0.09
C TRP B 332 -19.03 0.04 -0.82
N ALA B 333 -19.15 1.29 -1.29
CA ALA B 333 -20.28 1.67 -2.12
C ALA B 333 -20.38 0.73 -3.33
N SER B 334 -19.27 0.57 -4.05
CA SER B 334 -19.24 -0.34 -5.19
C SER B 334 -20.03 -1.61 -4.84
N LEU B 335 -19.70 -2.22 -3.69
CA LEU B 335 -20.34 -3.47 -3.30
C LEU B 335 -21.84 -3.25 -3.19
N MET B 336 -22.21 -2.23 -2.40
CA MET B 336 -23.60 -1.98 -2.05
C MET B 336 -24.38 -1.63 -3.32
N SER B 337 -23.76 -0.90 -4.24
CA SER B 337 -24.42 -0.45 -5.46
C SER B 337 -24.60 -1.61 -6.43
N VAL B 338 -23.61 -2.51 -6.48
CA VAL B 338 -23.69 -3.63 -7.42
C VAL B 338 -24.67 -4.66 -6.87
N GLY B 339 -24.39 -5.17 -5.67
CA GLY B 339 -25.25 -6.16 -5.05
C GLY B 339 -25.26 -7.50 -5.77
N GLU B 340 -25.76 -8.51 -5.04
CA GLU B 340 -25.76 -9.91 -5.44
C GLU B 340 -26.22 -10.04 -6.89
N THR B 341 -27.37 -9.44 -7.19
CA THR B 341 -27.94 -9.48 -8.53
C THR B 341 -26.89 -9.00 -9.53
N GLY B 342 -26.38 -7.79 -9.29
CA GLY B 342 -25.39 -7.19 -10.16
C GLY B 342 -24.26 -8.17 -10.45
N TYR B 343 -23.70 -8.74 -9.37
CA TYR B 343 -22.55 -9.63 -9.50
C TYR B 343 -22.93 -10.89 -10.27
N ILE B 344 -24.12 -11.43 -10.01
CA ILE B 344 -24.59 -12.59 -10.76
C ILE B 344 -24.64 -12.24 -12.24
N ASN B 345 -25.22 -11.08 -12.56
CA ASN B 345 -25.35 -10.63 -13.93
C ASN B 345 -23.98 -10.51 -14.59
N SER B 346 -23.10 -9.71 -13.97
CA SER B 346 -21.77 -9.51 -14.52
C SER B 346 -21.09 -10.86 -14.73
N CYS B 347 -21.22 -11.75 -13.73
CA CYS B 347 -20.68 -13.09 -13.84
C CYS B 347 -21.21 -13.76 -15.11
N LEU B 348 -22.54 -13.81 -15.23
CA LEU B 348 -23.18 -14.38 -16.41
C LEU B 348 -22.46 -13.89 -17.67
N GLU B 349 -22.37 -12.56 -17.83
CA GLU B 349 -21.79 -11.98 -19.03
C GLU B 349 -20.34 -12.43 -19.21
N ILE B 350 -19.51 -12.12 -18.21
CA ILE B 350 -18.07 -12.34 -18.31
C ILE B 350 -17.80 -13.82 -18.62
N ILE B 351 -18.37 -14.72 -17.81
CA ILE B 351 -18.12 -16.14 -17.97
C ILE B 351 -18.67 -16.59 -19.32
N GLY B 352 -19.88 -16.14 -19.65
CA GLY B 352 -20.45 -16.37 -20.97
C GLY B 352 -19.42 -16.08 -22.07
N ALA B 353 -18.88 -14.86 -22.06
CA ALA B 353 -17.90 -14.45 -23.04
C ALA B 353 -16.71 -15.42 -23.06
N ALA B 354 -16.15 -15.68 -21.86
CA ALA B 354 -15.02 -16.60 -21.75
C ALA B 354 -15.35 -17.92 -22.47
N LYS B 355 -16.47 -18.53 -22.08
CA LYS B 355 -16.89 -19.80 -22.63
C LYS B 355 -17.01 -19.69 -24.16
N LYS B 356 -17.66 -18.60 -24.62
CA LYS B 356 -17.84 -18.41 -26.04
C LYS B 356 -16.48 -18.42 -26.73
N PHE B 357 -15.53 -17.63 -26.20
CA PHE B 357 -14.19 -17.57 -26.77
C PHE B 357 -13.58 -18.96 -26.81
N GLU B 358 -13.59 -19.63 -25.64
CA GLU B 358 -13.04 -20.98 -25.53
C GLU B 358 -13.61 -21.86 -26.63
N ALA B 359 -14.94 -21.82 -26.80
CA ALA B 359 -15.60 -22.60 -27.84
C ALA B 359 -15.04 -22.22 -29.21
N SER B 360 -15.02 -20.91 -29.49
CA SER B 360 -14.53 -20.41 -30.76
C SER B 360 -13.20 -21.07 -31.08
N ILE B 361 -12.27 -21.08 -30.11
CA ILE B 361 -10.94 -21.61 -30.34
C ILE B 361 -11.02 -23.09 -30.70
N LYS B 362 -11.94 -23.82 -30.06
CA LYS B 362 -12.01 -25.27 -30.19
C LYS B 362 -12.74 -25.67 -31.46
N GLU B 363 -13.62 -24.79 -31.96
CA GLU B 363 -14.54 -25.19 -33.02
C GLU B 363 -14.15 -24.53 -34.34
N HIS B 364 -13.73 -23.26 -34.31
CA HIS B 364 -13.57 -22.50 -35.54
C HIS B 364 -12.55 -23.17 -36.46
N PRO B 365 -12.96 -23.49 -37.71
CA PRO B 365 -12.19 -24.37 -38.60
C PRO B 365 -10.69 -24.08 -38.59
N VAL B 366 -10.35 -22.79 -38.69
CA VAL B 366 -8.97 -22.33 -38.65
C VAL B 366 -8.41 -22.62 -37.26
N LEU B 367 -8.96 -21.92 -36.26
CA LEU B 367 -8.36 -21.85 -34.95
C LEU B 367 -8.18 -23.27 -34.40
N SER B 368 -9.25 -24.07 -34.45
CA SER B 368 -9.25 -25.43 -33.92
C SER B 368 -8.05 -26.23 -34.44
N LYS B 369 -7.54 -25.87 -35.63
CA LYS B 369 -6.47 -26.65 -36.23
C LYS B 369 -5.11 -26.16 -35.75
N ASN B 370 -5.02 -24.88 -35.37
CA ASN B 370 -3.75 -24.21 -35.23
C ASN B 370 -3.43 -23.90 -33.77
N LEU B 371 -4.48 -23.72 -32.95
CA LEU B 371 -4.34 -23.34 -31.56
C LEU B 371 -4.88 -24.44 -30.66
N GLY B 372 -4.59 -24.33 -29.36
CA GLY B 372 -5.13 -25.24 -28.35
C GLY B 372 -5.24 -24.56 -26.99
N ILE B 373 -6.36 -24.81 -26.30
CA ILE B 373 -6.60 -24.26 -24.98
C ILE B 373 -5.59 -24.91 -24.02
N VAL B 374 -5.13 -24.13 -23.04
CA VAL B 374 -4.23 -24.60 -22.01
C VAL B 374 -5.05 -25.04 -20.80
N GLY B 375 -5.18 -26.37 -20.63
CA GLY B 375 -5.96 -26.93 -19.54
C GLY B 375 -7.45 -26.83 -19.80
N LYS B 376 -8.25 -26.83 -18.72
CA LYS B 376 -9.69 -26.75 -18.84
C LYS B 376 -10.18 -25.55 -18.04
N PRO B 377 -10.08 -24.31 -18.59
CA PRO B 377 -10.49 -23.11 -17.86
C PRO B 377 -11.97 -23.14 -17.55
N MET B 378 -12.35 -22.59 -16.38
CA MET B 378 -13.74 -22.55 -15.98
C MET B 378 -14.15 -21.14 -15.56
N VAL B 379 -13.17 -20.23 -15.44
CA VAL B 379 -13.43 -18.90 -14.90
C VAL B 379 -13.33 -17.87 -16.03
N SER B 380 -12.65 -16.74 -15.74
CA SER B 380 -12.62 -15.61 -16.67
C SER B 380 -11.33 -15.59 -17.48
N VAL B 381 -10.35 -16.43 -17.13
CA VAL B 381 -9.06 -16.44 -17.80
C VAL B 381 -9.04 -17.57 -18.82
N VAL B 382 -8.88 -17.22 -20.10
CA VAL B 382 -8.76 -18.20 -21.17
C VAL B 382 -7.36 -18.11 -21.77
N ALA B 383 -6.59 -19.19 -21.67
CA ALA B 383 -5.23 -19.22 -22.18
C ALA B 383 -5.13 -20.24 -23.30
N PHE B 384 -4.50 -19.84 -24.42
CA PHE B 384 -4.35 -20.68 -25.59
C PHE B 384 -2.90 -20.64 -26.07
N GLN B 385 -2.50 -21.72 -26.75
CA GLN B 385 -1.14 -21.85 -27.27
C GLN B 385 -1.19 -22.39 -28.69
N SER B 386 -0.03 -22.36 -29.35
CA SER B 386 0.10 -22.87 -30.71
C SER B 386 0.23 -24.40 -30.70
N GLN B 387 -0.57 -25.03 -31.56
CA GLN B 387 -0.48 -26.46 -31.83
C GLN B 387 0.14 -26.67 -33.21
N ASN B 388 0.54 -25.57 -33.86
CA ASN B 388 1.14 -25.65 -35.19
C ASN B 388 2.50 -24.94 -35.18
N GLY B 389 3.56 -25.70 -35.51
CA GLY B 389 4.92 -25.18 -35.53
C GLY B 389 5.10 -24.04 -36.54
N ALA B 390 4.13 -23.90 -37.45
CA ALA B 390 4.14 -22.83 -38.44
C ALA B 390 3.67 -21.52 -37.80
N VAL B 391 2.82 -21.64 -36.77
CA VAL B 391 2.27 -20.49 -36.09
C VAL B 391 3.01 -20.32 -34.76
N ASP B 392 3.76 -19.23 -34.63
CA ASP B 392 4.41 -18.90 -33.38
C ASP B 392 3.49 -17.99 -32.58
N ILE B 393 3.17 -18.45 -31.36
CA ILE B 393 2.12 -17.83 -30.56
C ILE B 393 2.47 -16.35 -30.36
N TYR B 394 3.74 -16.08 -30.04
CA TYR B 394 4.19 -14.72 -29.80
C TYR B 394 3.92 -13.88 -31.04
N ASP B 395 4.14 -14.45 -32.22
CA ASP B 395 3.87 -13.76 -33.47
C ASP B 395 2.39 -13.38 -33.50
N VAL B 396 1.53 -14.31 -33.08
CA VAL B 396 0.10 -14.05 -33.01
C VAL B 396 -0.12 -12.86 -32.08
N ALA B 397 0.53 -12.92 -30.91
CA ALA B 397 0.45 -11.86 -29.92
C ALA B 397 0.76 -10.51 -30.57
N ASP B 398 1.89 -10.45 -31.28
CA ASP B 398 2.34 -9.22 -31.91
C ASP B 398 1.32 -8.79 -32.96
N GLY B 399 0.77 -9.78 -33.67
CA GLY B 399 -0.27 -9.56 -34.67
C GLY B 399 -1.48 -8.86 -34.06
N LEU B 400 -1.97 -9.39 -32.94
CA LEU B 400 -3.11 -8.82 -32.24
C LEU B 400 -2.73 -7.44 -31.68
N SER B 401 -1.49 -7.32 -31.21
CA SER B 401 -0.98 -6.08 -30.68
C SER B 401 -1.06 -5.00 -31.77
N ALA B 402 -0.65 -5.37 -32.99
CA ALA B 402 -0.73 -4.47 -34.13
C ALA B 402 -2.19 -4.11 -34.43
N LYS B 403 -3.13 -4.94 -33.96
CA LYS B 403 -4.54 -4.67 -34.19
C LYS B 403 -5.12 -3.91 -32.99
N GLY B 404 -4.24 -3.54 -32.05
CA GLY B 404 -4.62 -2.70 -30.92
C GLY B 404 -5.05 -3.52 -29.71
N TRP B 405 -4.75 -4.83 -29.70
CA TRP B 405 -5.10 -5.66 -28.55
C TRP B 405 -3.95 -5.68 -27.54
N HIS B 406 -4.31 -5.61 -26.25
CA HIS B 406 -3.36 -5.77 -25.16
C HIS B 406 -3.73 -7.01 -24.38
N LEU B 407 -3.20 -8.15 -24.85
CA LEU B 407 -3.43 -9.45 -24.25
C LEU B 407 -2.18 -9.84 -23.45
N ASN B 408 -2.26 -10.94 -22.69
CA ASN B 408 -1.16 -11.30 -21.82
C ASN B 408 -0.38 -12.46 -22.45
N ALA B 409 0.94 -12.26 -22.61
CA ALA B 409 1.83 -13.26 -23.17
C ALA B 409 2.50 -14.06 -22.05
N LEU B 410 2.42 -15.39 -22.17
CA LEU B 410 2.87 -16.31 -21.14
C LEU B 410 4.17 -16.99 -21.57
N GLN B 411 4.77 -17.78 -20.68
CA GLN B 411 6.08 -18.35 -20.91
C GLN B 411 6.04 -19.88 -20.87
N SER B 412 5.54 -20.43 -19.76
CA SER B 412 5.59 -21.87 -19.55
C SER B 412 4.19 -22.44 -19.44
N PRO B 413 3.64 -22.99 -20.54
CA PRO B 413 4.31 -22.98 -21.84
C PRO B 413 4.14 -21.64 -22.53
N PRO B 414 4.70 -21.46 -23.75
CA PRO B 414 4.37 -20.31 -24.58
C PRO B 414 2.88 -20.30 -24.94
N ALA B 415 2.20 -19.22 -24.54
CA ALA B 415 0.76 -19.09 -24.75
C ALA B 415 0.36 -17.63 -24.62
N ILE B 416 -0.91 -17.34 -24.95
CA ILE B 416 -1.49 -16.04 -24.66
C ILE B 416 -2.72 -16.28 -23.80
N HIS B 417 -3.05 -15.34 -22.91
CA HIS B 417 -4.30 -15.44 -22.17
C HIS B 417 -5.08 -14.15 -22.29
N VAL B 418 -6.40 -14.32 -22.20
CA VAL B 418 -7.34 -13.23 -22.04
C VAL B 418 -8.05 -13.40 -20.70
N ALA B 419 -7.96 -12.37 -19.86
CA ALA B 419 -8.75 -12.27 -18.66
C ALA B 419 -9.95 -11.36 -18.94
N PHE B 420 -11.14 -11.96 -19.03
CA PHE B 420 -12.33 -11.28 -19.49
C PHE B 420 -12.87 -10.34 -18.42
N THR B 421 -13.23 -9.13 -18.87
CA THR B 421 -13.82 -8.10 -18.04
C THR B 421 -15.04 -7.54 -18.76
N ILE B 422 -15.91 -6.83 -18.03
CA ILE B 422 -17.15 -6.35 -18.61
C ILE B 422 -16.85 -5.79 -20.01
N PRO B 423 -15.83 -4.90 -20.17
CA PRO B 423 -15.43 -4.43 -21.50
C PRO B 423 -15.08 -5.52 -22.51
N THR B 424 -14.11 -6.38 -22.18
CA THR B 424 -13.58 -7.35 -23.13
C THR B 424 -14.69 -8.32 -23.54
N ALA B 425 -15.57 -8.63 -22.59
CA ALA B 425 -16.73 -9.49 -22.83
C ALA B 425 -17.55 -8.93 -23.99
N ALA B 426 -17.58 -7.59 -24.11
CA ALA B 426 -18.39 -6.95 -25.14
C ALA B 426 -17.67 -7.00 -26.49
N ALA B 427 -16.40 -7.43 -26.50
CA ALA B 427 -15.56 -7.40 -27.69
C ALA B 427 -15.15 -8.80 -28.13
N VAL B 428 -15.56 -9.81 -27.35
CA VAL B 428 -15.20 -11.20 -27.59
C VAL B 428 -15.27 -11.54 -29.09
N GLU B 429 -16.38 -11.20 -29.75
CA GLU B 429 -16.56 -11.53 -31.16
C GLU B 429 -15.41 -10.94 -31.96
N LYS B 430 -15.21 -9.62 -31.79
CA LYS B 430 -14.21 -8.88 -32.54
C LYS B 430 -12.84 -9.51 -32.30
N LEU B 431 -12.57 -9.84 -31.03
CA LEU B 431 -11.35 -10.54 -30.68
C LEU B 431 -11.22 -11.82 -31.50
N THR B 432 -12.30 -12.63 -31.51
CA THR B 432 -12.30 -13.89 -32.25
C THR B 432 -11.94 -13.62 -33.72
N THR B 433 -12.66 -12.67 -34.32
CA THR B 433 -12.44 -12.30 -35.72
C THR B 433 -10.95 -11.98 -35.94
N ASP B 434 -10.46 -10.99 -35.18
CA ASP B 434 -9.11 -10.50 -35.35
C ASP B 434 -8.11 -11.65 -35.16
N LEU B 435 -8.40 -12.56 -34.22
CA LEU B 435 -7.52 -13.70 -33.97
C LEU B 435 -7.47 -14.58 -35.22
N VAL B 436 -8.65 -14.95 -35.74
CA VAL B 436 -8.73 -15.74 -36.95
C VAL B 436 -7.83 -15.11 -38.01
N GLU B 437 -8.11 -13.84 -38.32
CA GLU B 437 -7.38 -13.11 -39.36
C GLU B 437 -5.88 -13.15 -39.07
N THR B 438 -5.49 -12.91 -37.81
CA THR B 438 -4.08 -12.96 -37.43
C THR B 438 -3.51 -14.33 -37.80
N VAL B 439 -4.13 -15.40 -37.28
CA VAL B 439 -3.64 -16.74 -37.54
C VAL B 439 -3.43 -16.92 -39.04
N GLU B 440 -4.52 -16.71 -39.80
CA GLU B 440 -4.46 -16.85 -41.25
C GLU B 440 -3.15 -16.24 -41.76
N LYS B 441 -2.82 -15.03 -41.30
CA LYS B 441 -1.69 -14.31 -41.87
C LYS B 441 -0.42 -15.15 -41.68
N GLU B 442 -0.21 -15.62 -40.44
CA GLU B 442 1.03 -16.29 -40.09
C GLU B 442 1.16 -17.56 -40.93
N LEU B 443 0.01 -18.23 -41.15
CA LEU B 443 0.00 -19.40 -42.01
C LEU B 443 0.55 -19.01 -43.39
N GLU B 444 0.06 -17.90 -43.95
CA GLU B 444 0.51 -17.45 -45.25
C GLU B 444 2.02 -17.21 -45.20
N LYS B 445 2.47 -16.48 -44.16
CA LYS B 445 3.90 -16.23 -44.03
C LYS B 445 4.66 -17.53 -44.16
N ALA B 446 4.30 -18.52 -43.34
CA ALA B 446 4.98 -19.81 -43.36
C ALA B 446 5.00 -20.41 -44.77
N GLU B 447 3.95 -20.17 -45.56
CA GLU B 447 3.88 -20.67 -46.92
C GLU B 447 5.04 -20.09 -47.74
N GLU B 448 5.19 -18.76 -47.69
CA GLU B 448 6.25 -18.13 -48.46
C GLU B 448 7.58 -18.60 -47.90
N ARG B 449 7.65 -18.72 -46.58
CA ARG B 449 8.85 -19.24 -45.93
C ARG B 449 9.23 -20.55 -46.59
N LYS B 450 8.41 -21.59 -46.41
CA LYS B 450 8.70 -22.91 -46.94
C LYS B 450 8.94 -22.85 -48.45
N ARG B 451 8.23 -21.96 -49.15
CA ARG B 451 8.38 -21.81 -50.60
C ARG B 451 9.81 -21.39 -50.96
N GLN B 452 10.49 -20.60 -50.10
CA GLN B 452 11.87 -20.21 -50.38
C GLN B 452 12.86 -21.01 -49.56
N GLY B 453 12.76 -20.86 -48.23
CA GLY B 453 13.56 -21.61 -47.28
C GLY B 453 12.68 -22.53 -46.46
N ARG B 460 11.92 -12.99 -39.64
CA ARG B 460 12.96 -12.26 -38.85
C ARG B 460 12.71 -12.49 -37.35
N GLY B 461 13.07 -11.44 -36.51
CA GLY B 461 12.83 -11.30 -35.07
C GLY B 461 11.63 -10.39 -34.77
N ASP B 462 10.56 -11.01 -34.24
CA ASP B 462 9.42 -10.26 -33.73
C ASP B 462 9.63 -9.96 -32.24
N THR B 463 8.99 -8.88 -31.76
CA THR B 463 9.20 -8.40 -30.41
C THR B 463 8.90 -9.55 -29.44
N SER B 464 7.65 -9.99 -29.40
CA SER B 464 7.28 -11.07 -28.49
C SER B 464 8.30 -12.20 -28.62
N ALA B 465 8.81 -12.40 -29.84
CA ALA B 465 9.76 -13.48 -30.07
C ALA B 465 11.01 -13.20 -29.25
N LEU B 466 11.47 -11.95 -29.24
CA LEU B 466 12.63 -11.60 -28.44
C LEU B 466 12.33 -11.88 -26.97
N TYR B 467 11.09 -11.63 -26.57
CA TYR B 467 10.69 -11.97 -25.22
C TYR B 467 10.84 -13.47 -24.98
N GLY B 468 10.38 -14.27 -25.95
CA GLY B 468 10.52 -15.71 -25.88
C GLY B 468 11.98 -16.18 -25.97
N VAL B 469 12.77 -15.54 -26.84
CA VAL B 469 14.16 -15.89 -27.04
C VAL B 469 14.93 -15.59 -25.75
N ALA B 470 14.71 -14.41 -25.18
CA ALA B 470 15.35 -14.01 -23.94
C ALA B 470 14.96 -14.96 -22.82
N GLY B 471 13.67 -15.31 -22.77
CA GLY B 471 13.19 -16.27 -21.78
C GLY B 471 13.76 -17.67 -22.01
N SER B 472 14.15 -17.95 -23.26
CA SER B 472 14.76 -19.24 -23.60
C SER B 472 16.28 -19.19 -23.38
N LEU B 473 16.84 -17.99 -23.23
CA LEU B 473 18.27 -17.84 -23.01
C LEU B 473 18.66 -18.57 -21.72
N PRO B 474 19.94 -18.99 -21.59
CA PRO B 474 20.38 -19.73 -20.39
C PRO B 474 20.25 -18.91 -19.11
N ASP B 475 20.72 -17.65 -19.16
CA ASP B 475 20.70 -16.78 -17.98
C ASP B 475 19.55 -15.79 -18.11
N LYS B 476 18.94 -15.45 -16.98
CA LYS B 476 17.82 -14.50 -16.96
C LYS B 476 18.36 -13.09 -16.74
N SER B 477 19.61 -12.99 -16.31
CA SER B 477 20.25 -11.69 -16.09
C SER B 477 19.84 -10.72 -17.20
N ILE B 478 19.78 -11.24 -18.44
CA ILE B 478 19.45 -10.43 -19.59
C ILE B 478 18.07 -9.79 -19.39
N VAL B 479 17.03 -10.64 -19.29
CA VAL B 479 15.67 -10.15 -19.16
C VAL B 479 15.61 -9.24 -17.93
N SER B 480 16.27 -9.67 -16.85
CA SER B 480 16.30 -8.87 -15.63
C SER B 480 16.60 -7.40 -15.97
N ARG B 481 17.76 -7.18 -16.59
CA ARG B 481 18.16 -5.83 -16.95
C ARG B 481 17.05 -5.15 -17.75
N LEU B 482 16.49 -5.89 -18.71
CA LEU B 482 15.44 -5.37 -19.56
C LEU B 482 14.31 -4.82 -18.70
N ALA B 483 13.88 -5.61 -17.70
CA ALA B 483 12.84 -5.19 -16.79
C ALA B 483 13.27 -3.93 -16.03
N GLU B 484 14.44 -4.00 -15.39
CA GLU B 484 14.96 -2.85 -14.66
C GLU B 484 14.69 -1.59 -15.49
N GLY B 485 15.21 -1.58 -16.72
CA GLY B 485 15.02 -0.45 -17.62
C GLY B 485 13.57 0.03 -17.62
N PHE B 486 12.65 -0.89 -17.88
CA PHE B 486 11.22 -0.61 -17.86
C PHE B 486 10.88 0.20 -16.61
N LEU B 487 11.22 -0.36 -15.45
CA LEU B 487 10.87 0.24 -14.18
C LEU B 487 11.45 1.65 -14.11
N ASP B 488 12.75 1.78 -14.37
CA ASP B 488 13.38 3.09 -14.39
C ASP B 488 12.51 4.04 -15.22
N THR B 489 12.20 3.60 -16.46
CA THR B 489 11.41 4.38 -17.39
C THR B 489 10.17 4.94 -16.69
N LEU B 490 9.52 4.09 -15.89
CA LEU B 490 8.26 4.45 -15.25
C LEU B 490 8.38 5.77 -14.50
N TYR B 491 9.60 6.12 -14.06
CA TYR B 491 9.80 7.30 -13.23
C TYR B 491 10.63 8.36 -13.94
N LYS B 492 10.89 8.17 -15.24
CA LYS B 492 11.65 9.14 -16.01
C LYS B 492 10.74 10.27 -16.47
N ALA B 493 11.06 11.50 -16.06
CA ALA B 493 10.29 12.67 -16.42
C ALA B 493 11.11 13.60 -17.32
N GLY B 494 12.43 13.64 -17.09
CA GLY B 494 13.32 14.50 -17.86
C GLY B 494 14.56 13.76 -18.32
#